data_9LOD
#
_entry.id   9LOD
#
_cell.length_a   1.00
_cell.length_b   1.00
_cell.length_c   1.00
_cell.angle_alpha   90.00
_cell.angle_beta   90.00
_cell.angle_gamma   90.00
#
_symmetry.space_group_name_H-M   'P 1'
#
loop_
_entity.id
_entity.type
_entity.pdbx_description
1 polymer 'Fc receptor-like protein 5'
2 polymer 'Immunoglobulin gamma-1 heavy chain'
3 branched 2-acetamido-2-deoxy-beta-D-glucopyranose-(1-2)-alpha-D-mannopyranose-(1-6)-beta-D-mannopyranose-(1-4)-2-acetamido-2-deoxy-beta-D-glucopyranose-(1-4)-[alpha-L-fucopyranose-(1-6)]2-acetamido-2-deoxy-beta-D-glucopyranose
4 branched 2-acetamido-2-deoxy-beta-D-glucopyranose-(1-2)-alpha-D-mannopyranose-(1-6)-beta-D-mannopyranose-(1-4)-2-acetamido-2-deoxy-beta-D-glucopyranose-(1-4)-2-acetamido-2-deoxy-beta-D-glucopyranose
5 non-polymer 2-acetamido-2-deoxy-beta-D-glucopyranose
#
loop_
_entity_poly.entity_id
_entity_poly.type
_entity_poly.pdbx_seq_one_letter_code
_entity_poly.pdbx_strand_id
1 'polypeptide(L)'
;QFARTPRPIIFLQPPWTTVFQGERVTLTCKGFRFYSPQKTKWYHRYLGKEILRETPDNILEVQESGEYRCQAQGSPLSSP
VHLDFSSASLILQAPLSVFEGDSVVLRCRAKAEVTLNNTIYKNDNVLAFLNKRTDFHIPHACLKDNGAYRCTGYKESCCP
VSSNTVKIQVQEPFTRPVLRASSFQPISGNPVTLTCETQLSLERSDVPLRFRFFRDDQTLGLGWSLSPNFQITAMWSKDS
GFYWCKAATMPYSVISDSPRSWIQVQIPASHPVLTLSPEKALNFEGTKVTLHCETQEDSLRTLYRFYHEGVPLRHKSVRC
ERGASISFSLTTENSGNYYCTADNGLGAKPSKAVSLSVTVPVSHPVLNLSSPEDLIFEGAKVTLHCEAQRGSLPILYQFH
HEGAALERRSANSAGGVAISFSLTAEHSGNYYCTADNGFGPQRSKAVSLSVTVPVSHPVLTLSSAEALTFEGATVTLHCE
VQRGSPQILYQFYHEDMPLWSSSTPSVGRVSFSFSLTEGHSGNYYCTADNGFGPQRSEVVSLFVTVPVSRPILTLRVPRA
QAVVGDLLELHCEAPRGSPPILYWFYHEDVTLGSSSAPSGGEASFNLSLTAEHSGNYSCEANNGLVAQHSDTISLSVIVP
VSRPILTFRAPRAQAVVGDLLELHCEALRGSSPILYWFYHEDVTLGKISAPSGGGASFNLSLTTEHSGIYSCEADNGLEA
QRSEMVTLKVAVPVSRPVLTLRAPGTHAAVGDLLELHCEALRGSPLILYRFFHEDVTLGNRSSPSGGASLNLSLTAEHSG
NYSCEADNGLGAQRSETVTLYITGLTANRSGPFATGHHHHHHHHWRPLESRVDYKDDDDK
;
A
2 'polypeptide(L)'
;EPKSCDKTHTCPPCPAPELLGGPSVFLFPPKPKDTLMISRTPEVTCVVVDVSHEDPEVKFNWYVDGVEVHNAKTKPREEQ
YNSTYRVVSVLTVCHQDWLNGKEYKCKVSNKALPAPIEKTISKAKGQPREPQVYTLPPSRDELTKNQVSLTCLVKGFYPS
DIAVEWESNGQPENNYKTTPPVLDSDGSFFLYSKLTVDKSRWQQGNVFSCSVMHEALHNHYTQKSLDKSTGKPTLYNVSL
IMSDTGGTCY
;
B,C,D,E
#
loop_
_chem_comp.id
_chem_comp.type
_chem_comp.name
_chem_comp.formula
BMA D-saccharide, beta linking beta-D-mannopyranose 'C6 H12 O6'
FUC L-saccharide, alpha linking alpha-L-fucopyranose 'C6 H12 O5'
MAN D-saccharide, alpha linking alpha-D-mannopyranose 'C6 H12 O6'
NAG D-saccharide, beta linking 2-acetamido-2-deoxy-beta-D-glucopyranose 'C8 H15 N O6'
#
# COMPACT_ATOMS: atom_id res chain seq x y z
N ARG A 4 -13.40 14.04 -7.20
CA ARG A 4 -11.99 14.06 -6.81
C ARG A 4 -11.11 14.58 -7.93
N THR A 5 -11.28 14.03 -9.13
CA THR A 5 -10.49 14.39 -10.31
C THR A 5 -11.44 14.71 -11.47
N PRO A 6 -12.11 15.87 -11.43
CA PRO A 6 -12.92 16.27 -12.58
C PRO A 6 -12.11 17.07 -13.60
N ARG A 7 -10.94 16.57 -13.96
CA ARG A 7 -10.04 17.30 -14.83
C ARG A 7 -10.38 17.05 -16.29
N PRO A 8 -10.67 18.08 -17.08
CA PRO A 8 -10.80 17.89 -18.53
C PRO A 8 -9.46 17.50 -19.13
N ILE A 9 -9.52 16.77 -20.24
CA ILE A 9 -8.34 16.31 -20.96
C ILE A 9 -8.25 17.07 -22.27
N ILE A 10 -7.05 17.55 -22.58
CA ILE A 10 -6.77 18.18 -23.87
C ILE A 10 -6.24 17.13 -24.82
N PHE A 11 -6.81 17.09 -26.03
CA PHE A 11 -6.43 16.12 -27.04
C PHE A 11 -5.77 16.86 -28.20
N LEU A 12 -4.55 16.45 -28.55
CA LEU A 12 -3.81 17.05 -29.65
C LEU A 12 -4.32 16.52 -30.98
N GLN A 13 -4.16 17.33 -32.02
CA GLN A 13 -4.52 16.94 -33.38
C GLN A 13 -3.66 17.77 -34.34
N PRO A 14 -2.56 17.19 -34.87
CA PRO A 14 -2.06 15.82 -34.72
C PRO A 14 -1.54 15.53 -33.32
N PRO A 15 -1.50 14.26 -32.90
CA PRO A 15 -1.16 13.94 -31.51
C PRO A 15 0.28 14.25 -31.12
N TRP A 16 1.12 14.71 -32.04
CA TRP A 16 2.52 14.96 -31.74
C TRP A 16 2.64 16.21 -30.87
N THR A 17 3.17 16.03 -29.65
CA THR A 17 3.35 17.16 -28.75
C THR A 17 4.45 18.08 -29.23
N THR A 18 5.42 17.56 -29.98
CA THR A 18 6.51 18.35 -30.53
C THR A 18 6.33 18.43 -32.05
N VAL A 19 6.25 19.64 -32.58
CA VAL A 19 6.01 19.89 -33.98
C VAL A 19 6.96 20.98 -34.45
N PHE A 20 6.86 21.35 -35.72
CA PHE A 20 7.77 22.32 -36.32
C PHE A 20 7.19 23.73 -36.22
N GLN A 21 7.96 24.72 -36.69
CA GLN A 21 7.60 26.12 -36.48
C GLN A 21 6.37 26.50 -37.29
N GLY A 22 6.34 26.16 -38.58
CA GLY A 22 5.24 26.55 -39.43
C GLY A 22 3.96 25.75 -39.25
N GLU A 23 4.04 24.62 -38.55
CA GLU A 23 2.87 23.77 -38.39
C GLU A 23 1.97 24.31 -37.28
N ARG A 24 0.69 23.92 -37.36
CA ARG A 24 -0.32 24.31 -36.38
C ARG A 24 -0.98 23.06 -35.83
N VAL A 25 -1.31 23.08 -34.55
CA VAL A 25 -2.02 21.98 -33.91
C VAL A 25 -3.30 22.52 -33.29
N THR A 26 -4.31 21.66 -33.22
CA THR A 26 -5.60 22.00 -32.65
C THR A 26 -5.75 21.28 -31.32
N LEU A 27 -5.96 22.05 -30.25
CA LEU A 27 -6.12 21.50 -28.92
C LEU A 27 -7.60 21.43 -28.58
N THR A 28 -8.09 20.23 -28.30
CA THR A 28 -9.51 20.02 -28.04
C THR A 28 -9.71 19.72 -26.56
N CYS A 29 -10.50 20.54 -25.88
CA CYS A 29 -10.78 20.34 -24.46
C CYS A 29 -11.95 19.37 -24.33
N LYS A 30 -11.63 18.09 -24.50
CA LYS A 30 -12.66 17.06 -24.49
C LYS A 30 -13.16 16.83 -23.07
N GLY A 31 -14.45 17.10 -22.85
CA GLY A 31 -15.10 16.77 -21.60
C GLY A 31 -16.29 15.87 -21.81
N PHE A 32 -16.19 14.61 -21.38
CA PHE A 32 -17.28 13.67 -21.59
C PHE A 32 -18.35 13.83 -20.51
N ARG A 33 -17.98 13.60 -19.25
CA ARG A 33 -18.83 13.97 -18.14
C ARG A 33 -18.53 15.42 -17.75
N PHE A 34 -19.58 16.14 -17.32
CA PHE A 34 -19.55 17.59 -17.19
C PHE A 34 -19.10 18.22 -18.50
N TYR A 35 -19.90 17.97 -19.53
CA TYR A 35 -19.55 18.35 -20.90
C TYR A 35 -19.51 19.88 -21.05
N SER A 36 -18.73 20.32 -22.04
CA SER A 36 -18.56 21.75 -22.31
C SER A 36 -18.37 21.94 -23.80
N PRO A 37 -19.44 22.23 -24.54
CA PRO A 37 -19.29 22.48 -25.97
C PRO A 37 -18.66 23.83 -26.29
N GLN A 38 -18.63 24.76 -25.32
CA GLN A 38 -18.09 26.09 -25.55
C GLN A 38 -17.70 26.67 -24.21
N LYS A 39 -17.23 27.93 -24.23
CA LYS A 39 -16.86 28.69 -23.04
C LYS A 39 -15.73 27.99 -22.27
N THR A 40 -14.60 27.81 -22.95
CA THR A 40 -13.42 27.18 -22.38
C THR A 40 -12.36 28.26 -22.15
N LYS A 41 -11.92 28.38 -20.90
CA LYS A 41 -10.91 29.37 -20.52
C LYS A 41 -9.53 28.70 -20.56
N TRP A 42 -8.73 29.04 -21.57
CA TRP A 42 -7.42 28.43 -21.76
C TRP A 42 -6.37 29.20 -20.98
N TYR A 43 -5.69 28.51 -20.06
CA TYR A 43 -4.66 29.13 -19.24
C TYR A 43 -3.29 28.87 -19.85
N HIS A 44 -3.08 29.48 -21.02
CA HIS A 44 -1.80 29.36 -21.71
C HIS A 44 -0.70 30.05 -20.91
N ARG A 45 0.47 29.41 -20.87
CA ARG A 45 1.60 29.92 -20.09
C ARG A 45 2.88 29.53 -20.79
N TYR A 46 3.72 30.52 -21.11
CA TYR A 46 4.98 30.27 -21.80
C TYR A 46 6.19 30.58 -20.93
N LEU A 47 6.32 31.83 -20.46
CA LEU A 47 7.46 32.23 -19.64
C LEU A 47 6.97 33.34 -18.70
N GLY A 48 6.55 32.93 -17.50
CA GLY A 48 5.96 33.89 -16.56
C GLY A 48 4.70 34.53 -17.09
N LYS A 49 3.90 33.78 -17.84
CA LYS A 49 2.69 34.31 -18.45
C LYS A 49 1.48 33.54 -17.94
N GLU A 50 0.34 34.23 -17.91
CA GLU A 50 -0.95 33.66 -17.55
C GLU A 50 -1.99 34.07 -18.58
N ILE A 51 -1.65 33.93 -19.85
CA ILE A 51 -2.49 34.42 -20.94
C ILE A 51 -3.81 33.68 -20.96
N LEU A 52 -4.90 34.43 -21.03
CA LEU A 52 -6.25 33.89 -21.13
C LEU A 52 -6.79 34.14 -22.53
N ARG A 53 -7.11 33.07 -23.26
CA ARG A 53 -7.65 33.16 -24.61
C ARG A 53 -8.91 32.29 -24.65
N GLU A 54 -10.04 32.89 -24.31
CA GLU A 54 -11.31 32.16 -24.34
C GLU A 54 -11.83 32.06 -25.76
N THR A 55 -12.40 30.91 -26.09
CA THR A 55 -12.93 30.65 -27.42
C THR A 55 -14.36 30.17 -27.33
N PRO A 56 -15.20 30.50 -28.32
CA PRO A 56 -16.59 30.05 -28.32
C PRO A 56 -16.78 28.61 -28.78
N ASP A 57 -15.71 27.82 -28.90
CA ASP A 57 -15.79 26.43 -29.33
C ASP A 57 -14.95 25.59 -28.38
N ASN A 58 -14.87 24.29 -28.66
CA ASN A 58 -14.07 23.36 -27.86
C ASN A 58 -12.66 23.20 -28.40
N ILE A 59 -12.32 23.84 -29.51
CA ILE A 59 -11.00 23.72 -30.11
C ILE A 59 -10.24 25.01 -29.91
N LEU A 60 -8.91 24.92 -30.02
CA LEU A 60 -8.03 26.06 -29.86
C LEU A 60 -6.81 25.83 -30.75
N GLU A 61 -6.85 26.35 -31.97
CA GLU A 61 -5.75 26.18 -32.92
C GLU A 61 -4.62 27.13 -32.54
N VAL A 62 -3.44 26.58 -32.25
CA VAL A 62 -2.31 27.37 -31.79
C VAL A 62 -1.08 27.02 -32.62
N GLN A 63 -0.13 27.95 -32.64
CA GLN A 63 1.13 27.77 -33.36
C GLN A 63 2.31 28.30 -32.57
N GLU A 64 2.18 28.34 -31.24
CA GLU A 64 3.24 28.82 -30.36
C GLU A 64 3.52 27.77 -29.31
N SER A 65 4.77 27.69 -28.88
CA SER A 65 5.16 26.74 -27.85
C SER A 65 4.62 27.18 -26.50
N GLY A 66 4.89 26.37 -25.48
CA GLY A 66 4.51 26.68 -24.13
C GLY A 66 3.73 25.55 -23.51
N GLU A 67 3.10 25.84 -22.38
CA GLU A 67 2.30 24.87 -21.64
C GLU A 67 0.86 25.35 -21.64
N TYR A 68 -0.05 24.49 -22.08
CA TYR A 68 -1.46 24.84 -22.24
C TYR A 68 -2.32 24.02 -21.29
N ARG A 69 -3.50 24.57 -21.01
CA ARG A 69 -4.54 23.88 -20.26
C ARG A 69 -5.86 24.58 -20.54
N CYS A 70 -6.96 23.90 -20.24
CA CYS A 70 -8.29 24.45 -20.45
C CYS A 70 -9.10 24.34 -19.16
N GLN A 71 -10.11 25.19 -19.05
CA GLN A 71 -10.97 25.23 -17.87
C GLN A 71 -12.42 25.25 -18.35
N ALA A 72 -13.11 24.13 -18.20
CA ALA A 72 -14.51 24.05 -18.56
C ALA A 72 -15.37 24.73 -17.50
N GLN A 73 -16.64 24.95 -17.85
CA GLN A 73 -17.57 25.59 -16.93
C GLN A 73 -17.86 24.65 -15.75
N GLY A 74 -17.62 25.15 -14.54
CA GLY A 74 -17.81 24.33 -13.36
C GLY A 74 -16.81 23.21 -13.22
N SER A 75 -15.66 23.30 -13.87
CA SER A 75 -14.66 22.25 -13.85
C SER A 75 -13.29 22.84 -13.54
N PRO A 76 -12.42 22.09 -12.85
CA PRO A 76 -11.11 22.62 -12.50
C PRO A 76 -10.18 22.76 -13.70
N LEU A 77 -8.98 23.29 -13.45
CA LEU A 77 -7.99 23.44 -14.51
C LEU A 77 -7.53 22.07 -15.00
N SER A 78 -7.14 22.02 -16.27
CA SER A 78 -6.77 20.76 -16.89
C SER A 78 -5.30 20.42 -16.62
N SER A 79 -4.94 19.19 -16.96
CA SER A 79 -3.55 18.78 -16.84
C SER A 79 -2.69 19.54 -17.84
N PRO A 80 -1.45 19.87 -17.50
CA PRO A 80 -0.60 20.62 -18.43
C PRO A 80 -0.32 19.84 -19.70
N VAL A 81 -0.27 20.55 -20.82
CA VAL A 81 0.12 20.00 -22.11
C VAL A 81 1.34 20.78 -22.56
N HIS A 82 2.50 20.12 -22.60
CA HIS A 82 3.75 20.81 -22.89
C HIS A 82 3.98 20.82 -24.40
N LEU A 83 3.28 21.75 -25.05
CA LEU A 83 3.47 21.94 -26.49
C LEU A 83 4.87 22.45 -26.79
N ASP A 84 5.33 22.16 -28.00
CA ASP A 84 6.71 22.47 -28.37
C ASP A 84 6.74 22.68 -29.88
N PHE A 85 7.15 23.87 -30.30
CA PHE A 85 7.32 24.20 -31.71
C PHE A 85 8.79 24.51 -31.93
N SER A 86 9.46 23.71 -32.75
CA SER A 86 10.91 23.70 -32.85
C SER A 86 11.35 24.17 -34.23
N SER A 87 12.38 25.01 -34.24
CA SER A 87 13.07 25.38 -35.47
C SER A 87 14.29 24.51 -35.72
N ALA A 88 14.51 23.49 -34.89
CA ALA A 88 15.67 22.64 -35.02
C ALA A 88 15.57 21.77 -36.27
N SER A 89 16.69 21.17 -36.66
CA SER A 89 16.77 20.40 -37.90
C SER A 89 16.21 19.00 -37.75
N LEU A 90 15.98 18.52 -36.53
CA LEU A 90 15.43 17.18 -36.34
C LEU A 90 14.73 17.12 -34.99
N ILE A 91 13.54 16.53 -34.97
CA ILE A 91 12.76 16.36 -33.75
C ILE A 91 12.18 14.95 -33.74
N LEU A 92 11.84 14.48 -32.55
CA LEU A 92 11.19 13.19 -32.36
C LEU A 92 9.76 13.45 -31.89
N GLN A 93 8.83 13.35 -32.82
CA GLN A 93 7.42 13.60 -32.51
C GLN A 93 6.82 12.39 -31.83
N ALA A 94 6.25 12.60 -30.64
CA ALA A 94 5.67 11.54 -29.84
C ALA A 94 4.25 11.90 -29.45
N PRO A 95 3.39 10.91 -29.25
CA PRO A 95 2.03 11.20 -28.77
C PRO A 95 2.06 11.76 -27.36
N LEU A 96 1.09 12.62 -27.06
CA LEU A 96 1.03 13.26 -25.75
C LEU A 96 0.77 12.23 -24.65
N SER A 97 -0.22 11.37 -24.84
CA SER A 97 -0.56 10.33 -23.89
C SER A 97 -0.46 8.98 -24.57
N VAL A 98 0.19 8.03 -23.89
CA VAL A 98 0.36 6.68 -24.39
C VAL A 98 -0.35 5.73 -23.45
N PHE A 99 -1.24 4.92 -23.99
CA PHE A 99 -1.98 3.92 -23.21
C PHE A 99 -1.66 2.53 -23.77
N GLU A 100 -2.00 1.51 -22.98
CA GLU A 100 -1.77 0.14 -23.42
C GLU A 100 -2.62 -0.18 -24.65
N GLY A 101 -2.06 -0.99 -25.54
CA GLY A 101 -2.73 -1.34 -26.77
C GLY A 101 -2.64 -0.30 -27.87
N ASP A 102 -1.96 0.82 -27.63
CA ASP A 102 -1.83 1.85 -28.63
C ASP A 102 -0.75 1.47 -29.66
N SER A 103 -0.79 2.15 -30.80
CA SER A 103 0.22 2.03 -31.83
C SER A 103 1.07 3.31 -31.78
N VAL A 104 2.09 3.30 -30.93
CA VAL A 104 2.94 4.47 -30.77
C VAL A 104 3.80 4.64 -32.00
N VAL A 105 3.79 5.83 -32.58
CA VAL A 105 4.53 6.14 -33.80
C VAL A 105 5.46 7.31 -33.46
N LEU A 106 6.69 7.00 -33.06
CA LEU A 106 7.69 8.02 -32.76
C LEU A 106 8.35 8.43 -34.07
N ARG A 107 7.90 9.54 -34.64
CA ARG A 107 8.40 9.97 -35.94
C ARG A 107 9.72 10.74 -35.76
N CYS A 108 10.74 10.30 -36.49
CA CYS A 108 12.03 10.99 -36.53
C CYS A 108 12.02 11.89 -37.75
N ARG A 109 11.32 13.02 -37.64
CA ARG A 109 11.04 13.90 -38.76
C ARG A 109 11.99 15.09 -38.74
N ALA A 110 12.64 15.35 -39.88
CA ALA A 110 13.52 16.49 -40.03
C ALA A 110 12.76 17.66 -40.64
N LYS A 111 13.43 18.82 -40.70
CA LYS A 111 12.83 20.04 -41.22
C LYS A 111 12.97 20.07 -42.74
N ALA A 112 12.03 19.41 -43.41
CA ALA A 112 11.94 19.37 -44.87
C ALA A 112 13.23 18.84 -45.50
N GLU A 113 13.87 17.90 -44.82
CA GLU A 113 15.11 17.30 -45.30
C GLU A 113 15.05 15.79 -45.08
N VAL A 114 15.68 15.06 -45.99
CA VAL A 114 15.74 13.60 -45.90
C VAL A 114 16.98 13.26 -45.07
N THR A 115 16.77 13.12 -43.76
CA THR A 115 17.87 12.82 -42.86
C THR A 115 18.26 11.35 -42.98
N LEU A 116 19.55 11.10 -43.19
CA LEU A 116 20.06 9.76 -43.36
C LEU A 116 20.45 9.15 -42.02
N ASN A 117 20.39 7.82 -41.95
CA ASN A 117 20.88 7.05 -40.81
C ASN A 117 20.19 7.47 -39.50
N ASN A 118 18.87 7.29 -39.47
CA ASN A 118 18.10 7.53 -38.26
C ASN A 118 18.25 6.35 -37.31
N THR A 119 18.26 6.63 -36.01
CA THR A 119 18.44 5.60 -35.00
C THR A 119 17.72 6.02 -33.73
N ILE A 120 16.71 5.26 -33.33
CA ILE A 120 15.94 5.58 -32.13
C ILE A 120 16.68 5.05 -30.91
N TYR A 121 17.01 5.94 -29.98
CA TYR A 121 17.66 5.58 -28.73
C TYR A 121 16.63 5.57 -27.61
N LYS A 122 16.55 4.46 -26.89
CA LYS A 122 15.72 4.36 -25.70
C LYS A 122 16.62 4.25 -24.48
N ASN A 123 16.44 5.16 -23.53
CA ASN A 123 17.26 5.22 -22.31
C ASN A 123 18.75 5.32 -22.63
N ASP A 124 19.07 6.22 -23.57
CA ASP A 124 20.45 6.56 -23.93
C ASP A 124 21.22 5.38 -24.51
N ASN A 125 20.52 4.40 -25.07
CA ASN A 125 21.17 3.29 -25.77
C ASN A 125 20.35 2.94 -27.00
N VAL A 126 21.02 2.35 -27.99
CA VAL A 126 20.38 2.07 -29.27
C VAL A 126 19.25 1.06 -29.09
N LEU A 127 18.08 1.38 -29.62
CA LEU A 127 16.92 0.51 -29.57
C LEU A 127 16.52 -0.04 -30.93
N ALA A 128 16.49 0.83 -31.94
CA ALA A 128 16.14 0.39 -33.30
C ALA A 128 16.85 1.30 -34.29
N PHE A 129 16.96 0.81 -35.52
CA PHE A 129 17.61 1.54 -36.60
C PHE A 129 16.61 1.73 -37.73
N LEU A 130 16.50 2.95 -38.22
CA LEU A 130 15.61 3.29 -39.34
C LEU A 130 16.46 3.73 -40.52
N ASN A 131 16.78 2.80 -41.41
CA ASN A 131 17.55 3.10 -42.60
C ASN A 131 16.63 3.76 -43.62
N LYS A 132 16.86 5.05 -43.89
CA LYS A 132 16.06 5.86 -44.82
C LYS A 132 14.61 5.98 -44.36
N ARG A 133 14.33 5.71 -43.10
CA ARG A 133 12.97 5.69 -42.57
C ARG A 133 12.85 6.65 -41.40
N THR A 134 11.62 7.07 -41.12
CA THR A 134 11.37 8.01 -40.04
C THR A 134 10.43 7.46 -38.97
N ASP A 135 9.39 6.73 -39.36
CA ASP A 135 8.32 6.34 -38.44
C ASP A 135 8.74 5.09 -37.67
N PHE A 136 9.10 5.27 -36.40
CA PHE A 136 9.20 4.15 -35.48
C PHE A 136 7.81 3.64 -35.16
N HIS A 137 7.70 2.37 -34.81
CA HIS A 137 6.40 1.76 -34.56
C HIS A 137 6.49 0.77 -33.41
N ILE A 138 5.65 0.96 -32.41
CA ILE A 138 5.45 0.01 -31.33
C ILE A 138 4.05 -0.58 -31.52
N PRO A 139 3.93 -1.86 -31.92
CA PRO A 139 2.60 -2.39 -32.24
C PRO A 139 1.68 -2.51 -31.04
N HIS A 140 2.22 -2.65 -29.83
CA HIS A 140 1.40 -2.81 -28.64
C HIS A 140 2.17 -2.23 -27.46
N ALA A 141 1.80 -1.03 -27.04
CA ALA A 141 2.49 -0.35 -25.95
C ALA A 141 2.21 -1.05 -24.63
N CYS A 142 3.27 -1.25 -23.85
CA CYS A 142 3.19 -1.86 -22.53
C CYS A 142 4.19 -1.17 -21.63
N LEU A 143 4.39 -1.73 -20.44
CA LEU A 143 5.30 -1.10 -19.48
C LEU A 143 6.75 -1.18 -19.93
N LYS A 144 7.11 -2.15 -20.77
CA LYS A 144 8.48 -2.21 -21.27
C LYS A 144 8.79 -1.02 -22.16
N ASP A 145 7.79 -0.44 -22.80
CA ASP A 145 7.97 0.71 -23.68
C ASP A 145 7.91 2.03 -22.90
N ASN A 146 8.70 2.11 -21.85
CA ASN A 146 8.83 3.29 -21.03
C ASN A 146 10.27 3.79 -21.06
N GLY A 147 10.42 5.10 -20.93
CA GLY A 147 11.74 5.68 -20.88
C GLY A 147 11.80 6.93 -21.72
N ALA A 148 13.02 7.33 -22.05
CA ALA A 148 13.28 8.57 -22.78
C ALA A 148 13.80 8.21 -24.16
N TYR A 149 13.02 8.50 -25.19
CA TYR A 149 13.38 8.23 -26.56
C TYR A 149 13.98 9.47 -27.22
N ARG A 150 14.93 9.24 -28.12
CA ARG A 150 15.63 10.31 -28.80
C ARG A 150 16.31 9.74 -30.04
N CYS A 151 15.96 10.26 -31.21
CA CYS A 151 16.50 9.75 -32.46
C CYS A 151 17.60 10.67 -32.97
N THR A 152 18.64 10.08 -33.54
CA THR A 152 19.77 10.80 -34.11
C THR A 152 19.92 10.43 -35.57
N GLY A 153 20.37 11.39 -36.37
CA GLY A 153 20.55 11.14 -37.78
C GLY A 153 21.54 12.04 -38.49
N TYR A 154 22.37 11.46 -39.34
CA TYR A 154 23.29 12.23 -40.17
C TYR A 154 22.51 13.11 -41.14
N LYS A 155 23.03 14.31 -41.37
CA LYS A 155 22.52 15.19 -42.40
C LYS A 155 23.20 14.84 -43.73
N GLU A 156 23.02 15.68 -44.75
CA GLU A 156 23.69 15.47 -46.03
C GLU A 156 25.19 15.49 -45.86
N SER A 157 25.74 16.64 -45.43
CA SER A 157 27.14 16.72 -45.07
C SER A 157 27.40 17.69 -43.93
N CYS A 158 26.36 18.28 -43.33
CA CYS A 158 26.57 19.33 -42.34
C CYS A 158 26.85 18.75 -40.96
N CYS A 159 25.89 18.03 -40.39
CA CYS A 159 25.99 17.63 -38.99
C CYS A 159 25.09 16.46 -38.65
N PRO A 160 25.59 15.42 -37.99
CA PRO A 160 24.68 14.47 -37.33
C PRO A 160 23.93 15.20 -36.24
N VAL A 161 22.61 15.10 -36.27
CA VAL A 161 21.74 15.89 -35.40
C VAL A 161 20.96 14.97 -34.47
N SER A 162 20.99 15.29 -33.18
CA SER A 162 20.24 14.57 -32.17
C SER A 162 18.93 15.31 -31.89
N SER A 163 17.82 14.57 -31.91
CA SER A 163 16.51 15.16 -31.73
C SER A 163 16.20 15.34 -30.24
N ASN A 164 15.03 15.90 -29.96
CA ASN A 164 14.63 16.14 -28.59
C ASN A 164 14.25 14.83 -27.90
N THR A 165 14.34 14.85 -26.57
CA THR A 165 13.99 13.69 -25.76
C THR A 165 12.53 13.75 -25.38
N VAL A 166 11.79 12.68 -25.69
CA VAL A 166 10.38 12.57 -25.35
C VAL A 166 10.21 11.38 -24.41
N LYS A 167 9.54 11.61 -23.28
CA LYS A 167 9.34 10.56 -22.28
C LYS A 167 8.02 9.86 -22.58
N ILE A 168 8.10 8.61 -23.02
CA ILE A 168 6.92 7.81 -23.29
C ILE A 168 6.53 7.10 -22.00
N GLN A 169 5.46 7.55 -21.38
CA GLN A 169 4.94 6.95 -20.16
C GLN A 169 3.60 6.30 -20.49
N VAL A 170 3.49 5.00 -20.22
CA VAL A 170 2.32 4.22 -20.60
C VAL A 170 1.39 4.13 -19.41
N GLN A 171 0.16 4.59 -19.58
CA GLN A 171 -0.86 4.56 -18.55
C GLN A 171 -1.89 3.48 -18.86
N GLU A 172 -2.47 2.93 -17.81
CA GLU A 172 -3.48 1.89 -17.98
C GLU A 172 -4.77 2.49 -18.52
N PRO A 173 -5.37 1.90 -19.55
CA PRO A 173 -6.67 2.41 -20.02
C PRO A 173 -7.76 2.33 -18.97
N PHE A 174 -7.71 1.31 -18.12
CA PHE A 174 -8.60 1.19 -16.98
C PHE A 174 -7.81 0.63 -15.81
N THR A 175 -8.30 0.86 -14.61
CA THR A 175 -7.65 0.30 -13.44
C THR A 175 -7.81 -1.22 -13.46
N ARG A 176 -6.90 -1.90 -12.76
CA ARG A 176 -6.97 -3.35 -12.69
C ARG A 176 -8.28 -3.76 -12.01
N PRO A 177 -9.08 -4.61 -12.63
CA PRO A 177 -10.39 -4.95 -12.07
C PRO A 177 -10.27 -5.66 -10.73
N VAL A 178 -11.26 -5.42 -9.88
CA VAL A 178 -11.42 -6.16 -8.64
C VAL A 178 -12.84 -6.71 -8.61
N LEU A 179 -12.96 -7.99 -8.29
CA LEU A 179 -14.27 -8.66 -8.35
C LEU A 179 -14.98 -8.50 -7.01
N ARG A 180 -15.87 -7.52 -6.93
CA ARG A 180 -16.77 -7.41 -5.80
C ARG A 180 -17.93 -8.38 -5.96
N ALA A 181 -18.64 -8.61 -4.87
CA ALA A 181 -19.84 -9.43 -4.88
C ALA A 181 -20.81 -8.89 -3.85
N SER A 182 -22.09 -9.20 -4.04
CA SER A 182 -23.10 -8.79 -3.06
C SER A 182 -22.81 -9.42 -1.71
N SER A 183 -22.35 -10.66 -1.72
CA SER A 183 -21.89 -11.36 -0.53
C SER A 183 -20.99 -12.50 -0.97
N PHE A 184 -19.82 -12.60 -0.36
CA PHE A 184 -18.90 -13.69 -0.64
C PHE A 184 -19.28 -14.97 0.08
N GLN A 185 -20.32 -14.93 0.92
CA GLN A 185 -20.84 -16.12 1.59
C GLN A 185 -22.35 -16.16 1.43
N PRO A 186 -22.85 -16.41 0.21
CA PRO A 186 -24.29 -16.46 0.02
C PRO A 186 -24.87 -17.79 0.46
N ILE A 187 -25.96 -17.76 1.23
CA ILE A 187 -26.66 -18.99 1.56
C ILE A 187 -27.19 -19.61 0.27
N SER A 188 -27.13 -20.94 0.18
CA SER A 188 -27.56 -21.64 -1.02
C SER A 188 -29.03 -21.35 -1.30
N GLY A 189 -29.32 -20.95 -2.54
CA GLY A 189 -30.64 -20.48 -2.89
C GLY A 189 -30.81 -18.97 -2.92
N ASN A 190 -29.72 -18.21 -2.79
CA ASN A 190 -29.82 -16.76 -2.82
C ASN A 190 -29.15 -16.21 -4.08
N PRO A 191 -29.66 -15.10 -4.63
CA PRO A 191 -29.03 -14.48 -5.80
C PRO A 191 -27.89 -13.57 -5.36
N VAL A 192 -26.68 -13.88 -5.84
CA VAL A 192 -25.48 -13.10 -5.55
C VAL A 192 -24.96 -12.51 -6.86
N THR A 193 -24.76 -11.20 -6.89
CA THR A 193 -24.36 -10.50 -8.10
C THR A 193 -22.86 -10.22 -8.06
N LEU A 194 -22.16 -10.68 -9.07
CA LEU A 194 -20.75 -10.35 -9.24
C LEU A 194 -20.63 -8.96 -9.86
N THR A 195 -19.52 -8.30 -9.56
CA THR A 195 -19.26 -6.95 -10.07
C THR A 195 -17.79 -6.84 -10.43
N CYS A 196 -17.51 -6.45 -11.66
CA CYS A 196 -16.14 -6.22 -12.14
C CYS A 196 -16.01 -4.73 -12.38
N GLU A 197 -15.66 -3.99 -11.33
CA GLU A 197 -15.52 -2.55 -11.47
C GLU A 197 -14.15 -2.22 -12.03
N THR A 198 -14.12 -1.24 -12.94
CA THR A 198 -12.88 -0.74 -13.51
C THR A 198 -13.04 0.77 -13.67
N GLN A 199 -12.24 1.53 -12.93
CA GLN A 199 -12.28 2.99 -13.06
C GLN A 199 -11.59 3.40 -14.35
N LEU A 200 -12.37 3.54 -15.42
CA LEU A 200 -11.83 3.94 -16.71
C LEU A 200 -11.23 5.33 -16.63
N SER A 201 -10.05 5.50 -17.23
CA SER A 201 -9.44 6.82 -17.29
C SER A 201 -10.28 7.76 -18.13
N LEU A 202 -10.24 9.04 -17.79
CA LEU A 202 -11.03 10.02 -18.52
C LEU A 202 -10.53 10.21 -19.95
N GLU A 203 -9.28 9.86 -20.22
CA GLU A 203 -8.77 9.88 -21.59
C GLU A 203 -9.53 8.89 -22.46
N ARG A 204 -9.80 7.69 -21.94
CA ARG A 204 -10.53 6.65 -22.64
C ARG A 204 -11.79 6.34 -21.84
N SER A 205 -12.85 7.12 -22.08
CA SER A 205 -14.12 6.89 -21.43
C SER A 205 -15.25 6.55 -22.39
N ASP A 206 -15.14 6.93 -23.66
CA ASP A 206 -16.15 6.58 -24.66
C ASP A 206 -16.04 5.14 -25.11
N VAL A 207 -14.92 4.48 -24.87
CA VAL A 207 -14.73 3.09 -25.26
C VAL A 207 -15.44 2.18 -24.28
N PRO A 208 -16.38 1.35 -24.74
CA PRO A 208 -17.04 0.41 -23.83
C PRO A 208 -16.10 -0.70 -23.42
N LEU A 209 -16.40 -1.29 -22.27
CA LEU A 209 -15.63 -2.40 -21.72
C LEU A 209 -16.45 -3.69 -21.78
N ARG A 210 -15.78 -4.78 -22.11
CA ARG A 210 -16.39 -6.10 -22.14
C ARG A 210 -15.85 -6.92 -20.97
N PHE A 211 -16.74 -7.47 -20.17
CA PHE A 211 -16.39 -8.22 -18.97
C PHE A 211 -16.74 -9.69 -19.14
N ARG A 212 -15.81 -10.57 -18.77
CA ARG A 212 -16.05 -12.00 -18.76
C ARG A 212 -15.78 -12.52 -17.36
N PHE A 213 -16.80 -13.11 -16.73
CA PHE A 213 -16.72 -13.56 -15.36
C PHE A 213 -16.44 -15.05 -15.32
N PHE A 214 -15.62 -15.46 -14.35
CA PHE A 214 -15.06 -16.80 -14.31
C PHE A 214 -15.36 -17.48 -13.00
N ARG A 215 -15.53 -18.80 -13.06
CA ARG A 215 -15.41 -19.69 -11.92
C ARG A 215 -13.93 -19.99 -11.71
N ASP A 216 -13.62 -21.05 -10.96
CA ASP A 216 -12.23 -21.42 -10.70
C ASP A 216 -11.43 -21.51 -12.01
N ASP A 217 -11.94 -22.23 -13.00
CA ASP A 217 -11.34 -22.23 -14.32
C ASP A 217 -12.35 -22.23 -15.46
N GLN A 218 -13.65 -22.29 -15.17
CA GLN A 218 -14.67 -22.39 -16.21
C GLN A 218 -15.38 -21.04 -16.35
N THR A 219 -15.40 -20.53 -17.58
CA THR A 219 -16.04 -19.25 -17.85
C THR A 219 -17.55 -19.35 -17.63
N LEU A 220 -18.13 -18.24 -17.16
CA LEU A 220 -19.55 -18.15 -16.91
C LEU A 220 -20.22 -17.32 -18.00
N GLY A 221 -21.51 -17.57 -18.22
CA GLY A 221 -22.23 -16.84 -19.24
C GLY A 221 -21.84 -17.27 -20.64
N LEU A 222 -21.99 -16.35 -21.58
CA LEU A 222 -21.67 -16.59 -22.99
C LEU A 222 -20.60 -15.58 -23.40
N GLY A 223 -19.34 -15.94 -23.18
CA GLY A 223 -18.24 -15.07 -23.57
C GLY A 223 -18.25 -13.78 -22.80
N TRP A 224 -18.13 -12.66 -23.52
CA TRP A 224 -18.08 -11.34 -22.94
C TRP A 224 -19.44 -10.67 -23.01
N SER A 225 -19.59 -9.60 -22.22
CA SER A 225 -20.82 -8.83 -22.19
C SER A 225 -20.51 -7.43 -21.68
N LEU A 226 -21.25 -6.45 -22.19
CA LEU A 226 -21.01 -5.06 -21.81
C LEU A 226 -21.48 -4.75 -20.41
N SER A 227 -22.32 -5.60 -19.82
CA SER A 227 -22.80 -5.38 -18.46
C SER A 227 -21.72 -5.79 -17.46
N PRO A 228 -21.30 -4.89 -16.56
CA PRO A 228 -20.29 -5.25 -15.57
C PRO A 228 -20.81 -6.08 -14.41
N ASN A 229 -22.09 -6.46 -14.43
CA ASN A 229 -22.70 -7.24 -13.36
C ASN A 229 -23.17 -8.57 -13.93
N PHE A 230 -22.67 -9.66 -13.38
CA PHE A 230 -23.10 -11.01 -13.73
C PHE A 230 -23.93 -11.54 -12.56
N GLN A 231 -25.24 -11.68 -12.78
CA GLN A 231 -26.17 -12.08 -11.74
C GLN A 231 -26.38 -13.59 -11.82
N ILE A 232 -26.10 -14.28 -10.72
CA ILE A 232 -26.39 -15.70 -10.59
C ILE A 232 -27.69 -15.83 -9.81
N THR A 233 -28.67 -16.51 -10.41
CA THR A 233 -29.99 -16.61 -9.79
C THR A 233 -29.92 -17.39 -8.47
N ALA A 234 -29.19 -18.50 -8.46
CA ALA A 234 -29.04 -19.32 -7.26
C ALA A 234 -27.82 -20.20 -7.44
N MET A 235 -26.83 -20.03 -6.56
CA MET A 235 -25.62 -20.82 -6.60
C MET A 235 -25.66 -21.90 -5.52
N TRP A 236 -25.31 -23.12 -5.89
CA TRP A 236 -25.33 -24.25 -4.98
C TRP A 236 -23.96 -24.41 -4.34
N SER A 237 -23.78 -25.49 -3.57
CA SER A 237 -22.50 -25.74 -2.90
C SER A 237 -21.43 -26.20 -3.87
N LYS A 238 -21.80 -26.66 -5.06
CA LYS A 238 -20.83 -27.16 -6.02
C LYS A 238 -19.92 -26.05 -6.53
N ASP A 239 -20.50 -24.89 -6.84
CA ASP A 239 -19.77 -23.79 -7.47
C ASP A 239 -19.25 -22.79 -6.43
N SER A 240 -18.48 -23.30 -5.49
CA SER A 240 -17.81 -22.49 -4.48
C SER A 240 -16.32 -22.55 -4.77
N GLY A 241 -15.85 -21.65 -5.65
CA GLY A 241 -14.45 -21.64 -6.04
C GLY A 241 -13.89 -20.24 -6.19
N PHE A 242 -12.70 -20.15 -6.77
CA PHE A 242 -12.06 -18.86 -7.00
C PHE A 242 -12.76 -18.13 -8.13
N TYR A 243 -13.50 -17.08 -7.79
CA TYR A 243 -14.21 -16.27 -8.78
C TYR A 243 -13.36 -15.05 -9.14
N TRP A 244 -13.32 -14.73 -10.42
CA TRP A 244 -12.57 -13.57 -10.90
C TRP A 244 -13.19 -13.11 -12.22
N CYS A 245 -12.68 -12.00 -12.75
CA CYS A 245 -13.23 -11.44 -13.97
C CYS A 245 -12.12 -10.86 -14.83
N LYS A 246 -12.38 -10.76 -16.14
CA LYS A 246 -11.47 -10.16 -17.09
C LYS A 246 -12.12 -8.94 -17.70
N ALA A 247 -11.46 -7.79 -17.60
CA ALA A 247 -11.91 -6.56 -18.22
C ALA A 247 -11.12 -6.34 -19.49
N ALA A 248 -11.82 -6.06 -20.59
CA ALA A 248 -11.20 -5.93 -21.89
C ALA A 248 -11.76 -4.73 -22.64
N THR A 249 -10.95 -4.18 -23.53
CA THR A 249 -11.38 -3.10 -24.41
C THR A 249 -12.16 -3.69 -25.60
N MET A 250 -12.69 -2.81 -26.44
CA MET A 250 -13.53 -3.26 -27.55
C MET A 250 -12.81 -4.07 -28.64
N PRO A 251 -11.50 -3.94 -28.89
CA PRO A 251 -10.86 -4.87 -29.82
C PRO A 251 -10.21 -6.08 -29.17
N TYR A 252 -10.42 -6.28 -27.87
CA TYR A 252 -9.82 -7.39 -27.11
C TYR A 252 -8.30 -7.37 -27.21
N SER A 253 -7.72 -6.17 -27.21
CA SER A 253 -6.28 -6.02 -27.33
C SER A 253 -5.59 -6.12 -25.97
N VAL A 254 -5.98 -5.27 -25.03
CA VAL A 254 -5.43 -5.26 -23.67
C VAL A 254 -6.48 -5.82 -22.74
N ILE A 255 -6.14 -6.90 -22.04
CA ILE A 255 -7.04 -7.57 -21.11
C ILE A 255 -6.34 -7.68 -19.77
N SER A 256 -7.01 -7.25 -18.71
CA SER A 256 -6.48 -7.29 -17.36
C SER A 256 -7.31 -8.26 -16.53
N ASP A 257 -6.63 -9.14 -15.79
CA ASP A 257 -7.30 -10.16 -15.00
C ASP A 257 -7.43 -9.68 -13.56
N SER A 258 -8.64 -9.76 -13.02
CA SER A 258 -8.86 -9.40 -11.64
C SER A 258 -8.23 -10.44 -10.71
N PRO A 259 -7.80 -10.01 -9.51
CA PRO A 259 -7.37 -11.00 -8.52
C PRO A 259 -8.50 -11.96 -8.18
N ARG A 260 -8.15 -13.23 -8.02
CA ARG A 260 -9.13 -14.27 -7.82
C ARG A 260 -9.59 -14.25 -6.36
N SER A 261 -10.80 -13.78 -6.13
CA SER A 261 -11.40 -13.75 -4.80
C SER A 261 -12.25 -15.00 -4.62
N TRP A 262 -12.04 -15.71 -3.52
CA TRP A 262 -12.73 -16.96 -3.28
C TRP A 262 -14.13 -16.70 -2.74
N ILE A 263 -15.12 -17.34 -3.35
CA ILE A 263 -16.52 -17.22 -2.94
C ILE A 263 -16.94 -18.55 -2.34
N GLN A 264 -17.36 -18.53 -1.08
CA GLN A 264 -17.80 -19.71 -0.37
C GLN A 264 -19.32 -19.72 -0.27
N VAL A 265 -19.91 -20.91 -0.28
CA VAL A 265 -21.35 -21.09 -0.19
C VAL A 265 -21.69 -21.68 1.17
N GLN A 266 -22.62 -21.03 1.87
CA GLN A 266 -22.99 -21.42 3.22
C GLN A 266 -24.24 -22.29 3.20
N ILE A 267 -24.20 -23.40 3.93
CA ILE A 267 -25.35 -24.29 4.02
C ILE A 267 -25.35 -24.99 5.38
N GLY B 22 28.98 29.59 -23.72
CA GLY B 22 29.97 29.08 -22.80
C GLY B 22 30.07 27.57 -22.80
N PRO B 23 30.90 27.02 -23.69
CA PRO B 23 31.08 25.57 -23.74
C PRO B 23 31.66 25.02 -22.45
N SER B 24 31.26 23.80 -22.11
CA SER B 24 31.77 23.08 -20.96
C SER B 24 32.15 21.67 -21.39
N VAL B 25 33.11 21.08 -20.68
CA VAL B 25 33.60 19.76 -21.01
C VAL B 25 33.41 18.84 -19.81
N PHE B 26 33.35 17.54 -20.10
CA PHE B 26 33.22 16.52 -19.07
C PHE B 26 34.08 15.33 -19.47
N LEU B 27 34.82 14.79 -18.50
CA LEU B 27 35.63 13.60 -18.70
C LEU B 27 34.94 12.43 -18.00
N PHE B 28 34.66 11.37 -18.76
CA PHE B 28 33.99 10.22 -18.21
C PHE B 28 34.94 9.03 -18.16
N PRO B 29 35.06 8.38 -17.00
CA PRO B 29 35.95 7.23 -16.90
C PRO B 29 35.42 6.06 -17.69
N PRO B 30 36.28 5.11 -18.07
CA PRO B 30 35.78 3.89 -18.71
C PRO B 30 34.84 3.16 -17.79
N LYS B 31 33.80 2.56 -18.37
CA LYS B 31 32.89 1.76 -17.58
C LYS B 31 33.65 0.58 -17.00
N PRO B 32 33.36 0.19 -15.76
CA PRO B 32 34.18 -0.84 -15.10
C PRO B 32 34.18 -2.17 -15.81
N LYS B 33 33.15 -2.46 -16.60
CA LYS B 33 33.13 -3.71 -17.35
C LYS B 33 34.21 -3.73 -18.43
N ASP B 34 34.39 -2.62 -19.13
CA ASP B 34 35.35 -2.57 -20.24
C ASP B 34 36.80 -2.36 -19.77
N THR B 35 37.01 -1.98 -18.52
CA THR B 35 38.36 -1.74 -18.04
C THR B 35 39.00 -2.96 -17.39
N LEU B 36 38.25 -4.07 -17.27
CA LEU B 36 38.75 -5.29 -16.65
C LEU B 36 38.88 -6.45 -17.61
N MET B 37 37.87 -6.68 -18.45
CA MET B 37 37.97 -7.75 -19.44
C MET B 37 38.93 -7.37 -20.55
N ILE B 38 39.80 -8.31 -20.91
CA ILE B 38 40.68 -8.12 -22.05
C ILE B 38 39.89 -8.12 -23.35
N SER B 39 38.77 -8.85 -23.39
CA SER B 39 37.99 -8.97 -24.61
C SER B 39 37.47 -7.63 -25.09
N ARG B 40 36.96 -6.80 -24.17
CA ARG B 40 36.48 -5.47 -24.53
C ARG B 40 37.56 -4.43 -24.23
N THR B 41 37.32 -3.22 -24.73
CA THR B 41 38.31 -2.18 -24.60
C THR B 41 37.77 -0.98 -23.83
N PRO B 42 38.57 -0.40 -22.94
CA PRO B 42 38.13 0.78 -22.20
C PRO B 42 38.45 2.07 -22.95
N GLU B 43 37.57 3.05 -22.77
CA GLU B 43 37.66 4.30 -23.51
C GLU B 43 37.31 5.47 -22.60
N VAL B 44 38.21 6.43 -22.48
CA VAL B 44 37.98 7.65 -21.72
C VAL B 44 37.44 8.70 -22.67
N THR B 45 36.25 9.21 -22.39
CA THR B 45 35.55 10.12 -23.30
C THR B 45 35.66 11.55 -22.78
N CYS B 46 35.99 12.47 -23.69
CA CYS B 46 36.03 13.90 -23.41
C CYS B 46 34.93 14.55 -24.25
N VAL B 47 33.80 14.79 -23.63
CA VAL B 47 32.64 15.33 -24.33
C VAL B 47 32.50 16.82 -24.02
N VAL B 48 32.36 17.62 -25.07
CA VAL B 48 32.08 19.04 -24.93
C VAL B 48 30.62 19.28 -25.33
N VAL B 49 30.08 20.39 -24.87
CA VAL B 49 28.71 20.79 -25.15
C VAL B 49 28.67 22.31 -25.29
N ASP B 50 27.48 22.83 -25.58
CA ASP B 50 27.24 24.28 -25.66
C ASP B 50 28.16 24.94 -26.68
N VAL B 51 28.41 24.26 -27.79
CA VAL B 51 29.30 24.77 -28.83
C VAL B 51 28.44 25.46 -29.88
N SER B 52 28.52 26.78 -29.92
CA SER B 52 27.67 27.56 -30.83
C SER B 52 28.13 27.41 -32.28
N HIS B 53 27.28 27.89 -33.19
CA HIS B 53 27.58 27.80 -34.61
C HIS B 53 28.76 28.70 -34.99
N GLU B 54 28.89 29.85 -34.34
CA GLU B 54 29.89 30.84 -34.73
C GLU B 54 31.30 30.39 -34.37
N ASP B 55 31.44 29.57 -33.33
CA ASP B 55 32.75 29.05 -32.90
C ASP B 55 32.65 27.53 -32.74
N PRO B 56 32.58 26.80 -33.85
CA PRO B 56 32.37 25.34 -33.78
C PRO B 56 33.62 24.48 -33.84
N GLU B 57 34.81 25.06 -33.89
CA GLU B 57 36.04 24.29 -34.06
C GLU B 57 36.63 23.98 -32.69
N VAL B 58 36.68 22.69 -32.35
CA VAL B 58 37.25 22.23 -31.09
C VAL B 58 38.27 21.14 -31.40
N LYS B 59 39.49 21.31 -30.89
CA LYS B 59 40.56 20.33 -31.06
C LYS B 59 40.95 19.79 -29.70
N PHE B 60 41.06 18.47 -29.59
CA PHE B 60 41.34 17.80 -28.34
C PHE B 60 42.82 17.42 -28.27
N ASN B 61 43.49 17.86 -27.22
CA ASN B 61 44.88 17.49 -26.97
C ASN B 61 44.88 16.45 -25.87
N TRP B 62 44.99 15.18 -26.25
CA TRP B 62 44.86 14.07 -25.32
C TRP B 62 46.21 13.67 -24.75
N TYR B 63 46.29 13.61 -23.43
CA TYR B 63 47.52 13.27 -22.72
C TYR B 63 47.32 12.01 -21.90
N VAL B 64 48.30 11.10 -21.98
CA VAL B 64 48.19 9.85 -21.22
C VAL B 64 48.57 10.08 -19.76
N ASP B 65 49.82 10.44 -19.51
CA ASP B 65 50.21 10.93 -18.18
C ASP B 65 50.80 12.32 -18.25
N GLY B 66 51.86 12.53 -19.03
CA GLY B 66 52.44 13.84 -19.19
C GLY B 66 52.68 14.19 -20.65
N VAL B 67 52.69 13.17 -21.51
CA VAL B 67 52.99 13.35 -22.92
C VAL B 67 51.69 13.35 -23.71
N GLU B 68 51.78 13.80 -24.95
CA GLU B 68 50.64 13.86 -25.85
C GLU B 68 50.62 12.63 -26.75
N VAL B 69 49.46 11.98 -26.83
CA VAL B 69 49.29 10.77 -27.62
C VAL B 69 48.09 10.95 -28.53
N HIS B 70 48.28 10.72 -29.83
CA HIS B 70 47.24 10.92 -30.84
C HIS B 70 46.45 9.66 -31.13
N ASN B 71 46.36 8.74 -30.17
CA ASN B 71 45.56 7.53 -30.34
C ASN B 71 44.06 7.81 -30.27
N ALA B 72 43.67 9.02 -29.88
CA ALA B 72 42.26 9.36 -29.75
C ALA B 72 41.57 9.38 -31.12
N LYS B 73 40.28 9.10 -31.10
CA LYS B 73 39.43 9.11 -32.29
C LYS B 73 38.29 10.10 -32.03
N THR B 74 38.51 11.36 -32.40
CA THR B 74 37.52 12.40 -32.17
C THR B 74 36.34 12.21 -33.12
N LYS B 75 35.19 11.86 -32.55
CA LYS B 75 33.98 11.78 -33.35
C LYS B 75 33.57 13.18 -33.82
N PRO B 76 32.89 13.28 -34.97
CA PRO B 76 32.52 14.59 -35.48
C PRO B 76 31.51 15.30 -34.60
N ARG B 77 31.37 16.60 -34.84
CA ARG B 77 30.44 17.41 -34.07
C ARG B 77 29.01 16.94 -34.29
N GLU B 78 28.20 17.00 -33.23
CA GLU B 78 26.82 16.57 -33.26
C GLU B 78 25.93 17.71 -32.80
N GLU B 79 24.97 18.11 -33.64
CA GLU B 79 24.08 19.21 -33.32
C GLU B 79 22.93 18.69 -32.47
N GLN B 80 22.88 19.13 -31.21
CA GLN B 80 21.79 18.74 -30.33
C GLN B 80 20.49 19.44 -30.76
N TYR B 81 19.41 19.10 -30.06
CA TYR B 81 18.11 19.66 -30.39
C TYR B 81 18.05 21.15 -30.07
N ASN B 82 18.84 21.58 -29.08
CA ASN B 82 18.86 22.96 -28.63
C ASN B 82 19.78 23.84 -29.44
N SER B 83 20.11 23.44 -30.65
CA SER B 83 20.97 24.21 -31.57
C SER B 83 22.35 24.48 -30.97
N THR B 84 22.79 23.65 -30.05
CA THR B 84 24.15 23.69 -29.54
C THR B 84 24.85 22.38 -29.88
N TYR B 85 26.10 22.46 -30.32
CA TYR B 85 26.80 21.27 -30.77
C TYR B 85 27.35 20.48 -29.58
N ARG B 86 27.99 19.36 -29.91
CA ARG B 86 28.56 18.47 -28.91
C ARG B 86 29.60 17.62 -29.60
N VAL B 87 30.88 17.84 -29.28
CA VAL B 87 31.98 17.11 -29.89
C VAL B 87 32.52 16.14 -28.84
N VAL B 88 32.52 14.86 -29.18
CA VAL B 88 32.97 13.80 -28.28
C VAL B 88 34.25 13.21 -28.84
N SER B 89 35.33 13.28 -28.06
CA SER B 89 36.60 12.68 -28.44
C SER B 89 36.87 11.52 -27.49
N VAL B 90 36.83 10.31 -28.03
CA VAL B 90 36.98 9.08 -27.27
C VAL B 90 38.40 8.57 -27.49
N LEU B 91 39.14 8.40 -26.40
CA LEU B 91 40.50 7.87 -26.45
C LEU B 91 40.49 6.48 -25.87
N THR B 92 40.89 5.50 -26.66
CA THR B 92 41.01 4.13 -26.16
C THR B 92 42.30 3.99 -25.36
N VAL B 93 42.21 3.26 -24.26
CA VAL B 93 43.33 3.10 -23.33
C VAL B 93 43.52 1.61 -23.05
N CYS B 94 44.70 1.27 -22.55
CA CYS B 94 44.98 -0.10 -22.15
C CYS B 94 44.65 -0.27 -20.67
N HIS B 95 44.17 -1.46 -20.33
CA HIS B 95 43.77 -1.74 -18.95
C HIS B 95 44.95 -1.67 -18.00
N GLN B 96 46.14 -2.07 -18.45
CA GLN B 96 47.32 -2.05 -17.60
C GLN B 96 47.72 -0.65 -17.16
N ASP B 97 47.28 0.39 -17.87
CA ASP B 97 47.57 1.75 -17.45
C ASP B 97 46.45 2.36 -16.61
N TRP B 98 45.19 2.09 -16.97
CA TRP B 98 44.10 2.62 -16.15
C TRP B 98 44.07 1.99 -14.78
N LEU B 99 44.32 0.69 -14.69
CA LEU B 99 44.29 0.02 -13.39
C LEU B 99 45.48 0.40 -12.52
N ASN B 100 46.47 1.10 -13.07
CA ASN B 100 47.63 1.56 -12.31
C ASN B 100 47.52 3.05 -11.95
N GLY B 101 46.33 3.62 -12.07
CA GLY B 101 46.12 5.02 -11.71
C GLY B 101 46.83 6.04 -12.59
N LYS B 102 46.78 5.86 -13.91
CA LYS B 102 47.37 6.82 -14.84
C LYS B 102 46.38 7.95 -15.08
N GLU B 103 46.88 9.19 -14.97
CA GLU B 103 46.02 10.38 -14.98
C GLU B 103 45.77 10.83 -16.41
N TYR B 104 44.63 10.42 -16.97
CA TYR B 104 44.24 10.82 -18.32
C TYR B 104 43.59 12.20 -18.28
N LYS B 105 43.95 13.07 -19.22
CA LYS B 105 43.38 14.39 -19.31
C LYS B 105 43.23 14.80 -20.77
N CYS B 106 42.22 15.62 -21.03
CA CYS B 106 41.97 16.18 -22.36
C CYS B 106 42.03 17.70 -22.28
N LYS B 107 42.72 18.31 -23.24
CA LYS B 107 42.79 19.76 -23.36
C LYS B 107 41.88 20.17 -24.52
N VAL B 108 40.81 20.90 -24.20
CA VAL B 108 39.81 21.28 -25.18
C VAL B 108 40.06 22.73 -25.58
N SER B 109 40.20 22.97 -26.87
CA SER B 109 40.46 24.30 -27.40
C SER B 109 39.19 24.83 -28.04
N ASN B 110 38.76 26.01 -27.60
CA ASN B 110 37.57 26.65 -28.15
C ASN B 110 37.78 28.17 -28.18
N LYS B 111 37.02 28.83 -29.04
CA LYS B 111 37.17 30.26 -29.24
C LYS B 111 36.47 31.10 -28.18
N ALA B 112 35.69 30.48 -27.29
CA ALA B 112 34.99 31.21 -26.25
C ALA B 112 35.85 31.40 -25.01
N LEU B 113 36.40 30.32 -24.48
CA LEU B 113 37.28 30.43 -23.33
C LEU B 113 38.60 31.08 -23.73
N PRO B 114 39.10 32.04 -22.94
CA PRO B 114 40.39 32.66 -23.28
C PRO B 114 41.54 31.67 -23.30
N ALA B 115 41.50 30.65 -22.45
CA ALA B 115 42.53 29.61 -22.39
C ALA B 115 41.87 28.25 -22.50
N PRO B 116 42.58 27.26 -23.05
CA PRO B 116 41.99 25.92 -23.16
C PRO B 116 41.65 25.34 -21.79
N ILE B 117 40.54 24.60 -21.74
CA ILE B 117 40.06 24.01 -20.51
C ILE B 117 40.64 22.62 -20.36
N GLU B 118 41.19 22.33 -19.19
CA GLU B 118 41.80 21.04 -18.88
C GLU B 118 40.97 20.34 -17.82
N LYS B 119 40.54 19.11 -18.11
CA LYS B 119 39.80 18.28 -17.18
C LYS B 119 40.60 17.01 -16.93
N THR B 120 40.88 16.71 -15.67
CA THR B 120 41.74 15.60 -15.29
C THR B 120 40.96 14.63 -14.42
N ILE B 121 40.93 13.36 -14.84
CA ILE B 121 40.40 12.26 -14.04
C ILE B 121 41.36 11.09 -14.12
N SER B 122 41.21 10.16 -13.17
CA SER B 122 42.04 8.97 -13.11
C SER B 122 41.26 7.89 -12.38
N LYS B 123 41.94 6.82 -12.00
CA LYS B 123 41.33 5.74 -11.26
C LYS B 123 40.94 6.22 -9.86
N ALA B 124 39.86 5.64 -9.32
CA ALA B 124 39.46 5.91 -7.95
C ALA B 124 40.51 5.39 -6.99
N LYS B 125 41.19 6.30 -6.30
CA LYS B 125 42.33 5.92 -5.46
C LYS B 125 41.84 5.55 -4.07
N GLY B 126 42.09 4.32 -3.68
CA GLY B 126 41.72 3.84 -2.35
C GLY B 126 42.23 2.44 -2.18
N GLN B 127 42.21 1.97 -0.94
CA GLN B 127 42.70 0.64 -0.64
C GLN B 127 41.74 -0.40 -1.20
N PRO B 128 42.18 -1.28 -2.08
CA PRO B 128 41.27 -2.28 -2.65
C PRO B 128 40.91 -3.34 -1.62
N ARG B 129 39.64 -3.73 -1.61
CA ARG B 129 39.14 -4.79 -0.75
C ARG B 129 38.50 -5.85 -1.61
N GLU B 130 38.79 -7.11 -1.31
CA GLU B 130 38.37 -8.20 -2.16
C GLU B 130 36.88 -8.47 -1.99
N PRO B 131 36.10 -8.46 -3.07
CA PRO B 131 34.68 -8.80 -2.96
C PRO B 131 34.48 -10.24 -2.50
N GLN B 132 33.38 -10.45 -1.78
CA GLN B 132 32.98 -11.77 -1.31
C GLN B 132 31.70 -12.13 -2.05
N VAL B 133 31.84 -12.93 -3.10
CA VAL B 133 30.71 -13.30 -3.94
C VAL B 133 29.94 -14.44 -3.29
N TYR B 134 28.64 -14.22 -3.08
CA TYR B 134 27.75 -15.24 -2.54
C TYR B 134 26.57 -15.40 -3.48
N THR B 135 26.32 -16.63 -3.92
CA THR B 135 25.18 -16.92 -4.78
C THR B 135 24.02 -17.43 -3.95
N LEU B 136 22.83 -16.91 -4.22
CA LEU B 136 21.64 -17.18 -3.42
C LEU B 136 20.58 -17.84 -4.30
N PRO B 137 20.14 -19.06 -3.98
CA PRO B 137 19.10 -19.71 -4.79
C PRO B 137 17.76 -19.03 -4.60
N PRO B 138 16.81 -19.24 -5.52
CA PRO B 138 15.52 -18.57 -5.40
C PRO B 138 14.75 -19.03 -4.17
N SER B 139 13.91 -18.14 -3.65
CA SER B 139 13.04 -18.49 -2.55
C SER B 139 12.02 -19.54 -2.99
N ARG B 140 11.59 -20.35 -2.03
CA ARG B 140 10.60 -21.39 -2.33
C ARG B 140 9.27 -20.80 -2.77
N ASP B 141 8.98 -19.55 -2.39
CA ASP B 141 7.78 -18.89 -2.89
C ASP B 141 7.89 -18.58 -4.38
N GLU B 142 9.10 -18.28 -4.86
CA GLU B 142 9.30 -18.01 -6.28
C GLU B 142 9.42 -19.28 -7.11
N LEU B 143 9.48 -20.44 -6.48
CA LEU B 143 9.53 -21.70 -7.21
C LEU B 143 8.17 -22.15 -7.72
N THR B 144 7.17 -21.27 -7.68
CA THR B 144 5.87 -21.53 -8.27
C THR B 144 5.61 -20.70 -9.51
N LYS B 145 6.40 -19.65 -9.75
CA LYS B 145 6.23 -18.81 -10.92
C LYS B 145 6.83 -19.47 -12.15
N ASN B 146 6.59 -18.84 -13.31
CA ASN B 146 7.12 -19.37 -14.56
C ASN B 146 8.63 -19.20 -14.63
N GLN B 147 9.15 -18.08 -14.15
CA GLN B 147 10.57 -17.77 -14.20
C GLN B 147 11.09 -17.48 -12.79
N VAL B 148 12.10 -18.22 -12.37
CA VAL B 148 12.76 -17.98 -11.10
C VAL B 148 13.91 -17.01 -11.34
N SER B 149 14.33 -16.34 -10.26
CA SER B 149 15.39 -15.33 -10.33
C SER B 149 16.49 -15.69 -9.37
N LEU B 150 17.65 -16.03 -9.90
CA LEU B 150 18.81 -16.28 -9.06
C LEU B 150 19.46 -14.96 -8.65
N THR B 151 20.25 -15.02 -7.60
CA THR B 151 20.83 -13.83 -7.00
C THR B 151 22.32 -14.03 -6.80
N CYS B 152 23.09 -12.95 -6.94
CA CYS B 152 24.54 -12.99 -6.74
C CYS B 152 24.93 -11.76 -5.94
N LEU B 153 24.94 -11.90 -4.62
CA LEU B 153 25.32 -10.82 -3.73
C LEU B 153 26.85 -10.69 -3.75
N VAL B 154 27.34 -9.57 -4.24
CA VAL B 154 28.77 -9.27 -4.22
C VAL B 154 28.99 -8.23 -3.13
N LYS B 155 29.77 -8.60 -2.11
CA LYS B 155 29.80 -7.87 -0.86
C LYS B 155 31.21 -7.38 -0.53
N GLY B 156 31.28 -6.20 0.06
CA GLY B 156 32.50 -5.71 0.66
C GLY B 156 33.68 -5.48 -0.26
N PHE B 157 33.48 -4.83 -1.40
CA PHE B 157 34.56 -4.51 -2.31
C PHE B 157 34.82 -3.01 -2.33
N TYR B 158 35.95 -2.64 -2.92
CA TYR B 158 36.35 -1.25 -3.04
C TYR B 158 37.41 -1.19 -4.14
N PRO B 159 37.26 -0.30 -5.13
CA PRO B 159 36.21 0.71 -5.31
C PRO B 159 34.95 0.15 -5.94
N SER B 160 34.00 1.02 -6.29
CA SER B 160 32.79 0.58 -6.95
C SER B 160 33.01 0.46 -8.45
N ASP B 161 34.08 -0.22 -8.84
CA ASP B 161 34.42 -0.44 -10.23
C ASP B 161 34.46 -1.95 -10.43
N ILE B 162 33.30 -2.54 -10.71
CA ILE B 162 33.14 -3.98 -10.77
C ILE B 162 32.35 -4.34 -12.02
N ALA B 163 32.49 -5.59 -12.44
CA ALA B 163 31.73 -6.15 -13.55
C ALA B 163 31.19 -7.50 -13.13
N VAL B 164 29.88 -7.69 -13.25
CA VAL B 164 29.24 -8.95 -12.89
C VAL B 164 28.53 -9.48 -14.13
N GLU B 165 28.86 -10.70 -14.52
CA GLU B 165 28.26 -11.36 -15.67
C GLU B 165 27.98 -12.81 -15.31
N TRP B 166 26.83 -13.30 -15.73
CA TRP B 166 26.43 -14.67 -15.42
C TRP B 166 26.85 -15.63 -16.54
N GLU B 167 26.85 -16.91 -16.20
CA GLU B 167 27.19 -17.97 -17.14
C GLU B 167 26.40 -19.23 -16.77
N SER B 168 26.20 -20.10 -17.76
CA SER B 168 25.52 -21.37 -17.51
C SER B 168 26.43 -22.56 -17.78
N ASN B 169 26.98 -22.68 -18.98
CA ASN B 169 27.85 -23.81 -19.33
C ASN B 169 29.05 -23.32 -20.11
N GLY B 170 29.65 -22.22 -19.66
CA GLY B 170 30.68 -21.54 -20.41
C GLY B 170 30.16 -20.57 -21.43
N GLN B 171 28.85 -20.51 -21.62
CA GLN B 171 28.21 -19.56 -22.53
C GLN B 171 27.48 -18.51 -21.71
N PRO B 172 27.66 -17.22 -22.02
CA PRO B 172 27.05 -16.18 -21.20
C PRO B 172 25.53 -16.20 -21.31
N GLU B 173 24.90 -15.84 -20.20
CA GLU B 173 23.45 -15.65 -20.13
C GLU B 173 23.18 -14.16 -20.02
N ASN B 174 22.32 -13.64 -20.91
CA ASN B 174 22.09 -12.21 -21.04
C ASN B 174 20.70 -11.82 -20.53
N ASN B 175 20.27 -12.43 -19.43
CA ASN B 175 18.97 -12.09 -18.85
C ASN B 175 19.13 -11.67 -17.39
N TYR B 176 20.13 -10.83 -17.11
CA TYR B 176 20.42 -10.39 -15.76
C TYR B 176 20.40 -8.87 -15.70
N LYS B 177 20.08 -8.35 -14.51
CA LYS B 177 20.16 -6.92 -14.25
C LYS B 177 20.89 -6.73 -12.93
N THR B 178 21.91 -5.89 -12.94
CA THR B 178 22.78 -5.66 -11.80
C THR B 178 22.46 -4.31 -11.18
N THR B 179 22.19 -4.31 -9.88
CA THR B 179 21.99 -3.06 -9.18
C THR B 179 23.30 -2.28 -9.08
N PRO B 180 23.23 -0.95 -9.11
CA PRO B 180 24.45 -0.17 -8.93
C PRO B 180 25.02 -0.37 -7.55
N PRO B 181 26.34 -0.22 -7.38
CA PRO B 181 26.94 -0.44 -6.06
C PRO B 181 26.37 0.52 -5.02
N VAL B 182 26.15 -0.02 -3.82
CA VAL B 182 25.56 0.71 -2.71
C VAL B 182 26.56 0.72 -1.57
N LEU B 183 26.81 1.89 -1.00
CA LEU B 183 27.77 2.02 0.09
C LEU B 183 27.25 1.32 1.33
N ASP B 184 28.14 0.60 2.01
CA ASP B 184 27.83 -0.11 3.24
C ASP B 184 28.33 0.67 4.45
N SER B 185 27.99 0.14 5.63
CA SER B 185 28.48 0.74 6.87
C SER B 185 29.98 0.53 7.06
N ASP B 186 30.55 -0.52 6.46
CA ASP B 186 31.98 -0.78 6.56
C ASP B 186 32.81 0.18 5.72
N GLY B 187 32.18 0.98 4.86
CA GLY B 187 32.90 1.81 3.91
C GLY B 187 33.12 1.18 2.56
N SER B 188 32.87 -0.12 2.44
CA SER B 188 32.96 -0.81 1.16
C SER B 188 31.61 -0.70 0.45
N PHE B 189 31.44 -1.45 -0.63
CA PHE B 189 30.22 -1.43 -1.43
C PHE B 189 29.60 -2.82 -1.48
N PHE B 190 28.40 -2.88 -2.03
CA PHE B 190 27.75 -4.16 -2.29
C PHE B 190 26.75 -3.98 -3.41
N LEU B 191 26.46 -5.07 -4.12
CA LEU B 191 25.45 -5.04 -5.16
C LEU B 191 24.87 -6.43 -5.35
N TYR B 192 23.71 -6.48 -5.97
CA TYR B 192 23.01 -7.72 -6.25
C TYR B 192 22.80 -7.83 -7.75
N SER B 193 23.15 -8.97 -8.31
CA SER B 193 22.94 -9.23 -9.73
C SER B 193 21.90 -10.33 -9.85
N LYS B 194 20.69 -9.96 -10.26
CA LYS B 194 19.58 -10.88 -10.36
C LYS B 194 19.41 -11.31 -11.81
N LEU B 195 19.52 -12.61 -12.07
CA LEU B 195 19.31 -13.17 -13.39
C LEU B 195 18.05 -14.05 -13.37
N THR B 196 17.15 -13.81 -14.31
CA THR B 196 15.91 -14.53 -14.41
C THR B 196 16.03 -15.61 -15.50
N VAL B 197 15.73 -16.85 -15.13
CA VAL B 197 15.70 -17.97 -16.06
C VAL B 197 14.40 -18.72 -15.89
N ASP B 198 14.06 -19.50 -16.90
CA ASP B 198 12.87 -20.33 -16.83
C ASP B 198 13.00 -21.35 -15.71
N LYS B 199 11.90 -21.58 -15.00
CA LYS B 199 11.91 -22.60 -13.94
C LYS B 199 12.17 -23.98 -14.52
N SER B 200 11.81 -24.20 -15.78
CA SER B 200 12.10 -25.48 -16.42
C SER B 200 13.60 -25.75 -16.46
N ARG B 201 14.39 -24.73 -16.81
CA ARG B 201 15.85 -24.89 -16.79
C ARG B 201 16.37 -25.07 -15.38
N TRP B 202 15.77 -24.38 -14.41
CA TRP B 202 16.26 -24.44 -13.04
C TRP B 202 16.04 -25.80 -12.41
N GLN B 203 14.91 -26.45 -12.72
CA GLN B 203 14.59 -27.71 -12.06
C GLN B 203 15.38 -28.89 -12.61
N GLN B 204 16.00 -28.77 -13.79
CA GLN B 204 16.84 -29.84 -14.29
C GLN B 204 18.19 -29.91 -13.58
N GLY B 205 18.52 -28.94 -12.75
CA GLY B 205 19.81 -28.92 -12.11
C GLY B 205 20.90 -28.23 -12.89
N ASN B 206 20.55 -27.24 -13.72
CA ASN B 206 21.55 -26.50 -14.47
C ASN B 206 22.41 -25.66 -13.53
N VAL B 207 23.69 -25.56 -13.85
CA VAL B 207 24.63 -24.79 -13.06
C VAL B 207 24.69 -23.38 -13.60
N PHE B 208 24.55 -22.39 -12.72
CA PHE B 208 24.63 -20.98 -13.08
C PHE B 208 25.72 -20.34 -12.22
N SER B 209 26.85 -20.03 -12.83
CA SER B 209 27.99 -19.44 -12.13
C SER B 209 27.99 -17.94 -12.35
N CYS B 210 28.14 -17.19 -11.25
CA CYS B 210 28.15 -15.73 -11.30
C CYS B 210 29.60 -15.26 -11.35
N SER B 211 30.05 -14.90 -12.54
CA SER B 211 31.41 -14.40 -12.71
C SER B 211 31.48 -12.95 -12.25
N VAL B 212 32.51 -12.62 -11.46
CA VAL B 212 32.70 -11.30 -10.91
C VAL B 212 34.13 -10.87 -11.19
N MET B 213 34.29 -9.73 -11.88
CA MET B 213 35.60 -9.17 -12.19
C MET B 213 35.79 -7.90 -11.37
N HIS B 214 36.84 -7.89 -10.55
CA HIS B 214 37.16 -6.73 -9.73
C HIS B 214 38.68 -6.68 -9.57
N GLU B 215 39.20 -5.48 -9.36
CA GLU B 215 40.65 -5.31 -9.34
C GLU B 215 41.29 -5.98 -8.12
N ALA B 216 40.55 -6.09 -7.02
CA ALA B 216 41.09 -6.66 -5.79
C ALA B 216 41.11 -8.17 -5.79
N LEU B 217 40.22 -8.81 -6.56
CA LEU B 217 40.15 -10.26 -6.60
C LEU B 217 41.43 -10.85 -7.20
N HIS B 218 41.68 -12.11 -6.88
CA HIS B 218 42.82 -12.80 -7.45
C HIS B 218 42.56 -13.04 -8.94
N ASN B 219 43.49 -12.57 -9.78
CA ASN B 219 43.39 -12.63 -11.23
C ASN B 219 42.16 -11.91 -11.76
N HIS B 220 41.59 -11.00 -10.95
CA HIS B 220 40.44 -10.18 -11.32
C HIS B 220 39.25 -11.05 -11.76
N TYR B 221 39.04 -12.16 -11.06
CA TYR B 221 37.96 -13.07 -11.44
C TYR B 221 37.58 -13.93 -10.25
N THR B 222 36.28 -14.23 -10.15
CA THR B 222 35.77 -15.19 -9.18
C THR B 222 34.40 -15.66 -9.65
N GLN B 223 34.24 -16.97 -9.81
CA GLN B 223 32.96 -17.56 -10.18
C GLN B 223 32.38 -18.29 -9.00
N LYS B 224 31.09 -18.09 -8.75
CA LYS B 224 30.36 -18.82 -7.71
C LYS B 224 29.25 -19.62 -8.39
N SER B 225 29.42 -20.93 -8.47
CA SER B 225 28.42 -21.78 -9.09
C SER B 225 27.17 -21.86 -8.22
N LEU B 226 26.03 -22.08 -8.86
CA LEU B 226 24.76 -22.14 -8.15
C LEU B 226 23.80 -22.99 -8.99
N ASP B 227 23.44 -24.17 -8.46
CA ASP B 227 22.50 -25.05 -9.13
C ASP B 227 21.34 -25.44 -8.20
N LYS B 228 20.49 -26.37 -8.65
CA LYS B 228 19.28 -26.70 -7.92
C LYS B 228 19.59 -27.20 -6.51
N SER B 229 20.69 -27.93 -6.34
CA SER B 229 21.15 -28.35 -5.01
C SER B 229 22.07 -27.27 -4.43
N THR B 230 21.51 -26.08 -4.29
CA THR B 230 22.19 -24.88 -3.76
C THR B 230 23.54 -24.63 -4.41
N GLY C 22 20.27 35.23 -12.00
CA GLY C 22 18.96 34.86 -11.50
C GLY C 22 18.96 33.59 -10.69
N PRO C 23 18.38 33.65 -9.49
CA PRO C 23 18.32 32.46 -8.64
C PRO C 23 17.45 31.37 -9.25
N SER C 24 17.80 30.13 -8.93
CA SER C 24 17.09 28.96 -9.42
C SER C 24 16.28 28.33 -8.30
N VAL C 25 15.20 27.65 -8.68
CA VAL C 25 14.31 26.99 -7.74
C VAL C 25 14.22 25.50 -8.10
N PHE C 26 14.45 24.64 -7.12
CA PHE C 26 14.35 23.20 -7.29
C PHE C 26 13.26 22.66 -6.38
N LEU C 27 12.37 21.84 -6.95
CA LEU C 27 11.26 21.25 -6.22
C LEU C 27 11.50 19.76 -6.06
N PHE C 28 11.35 19.27 -4.83
CA PHE C 28 11.67 17.89 -4.50
C PHE C 28 10.44 17.18 -3.99
N PRO C 29 10.05 16.05 -4.58
CA PRO C 29 8.87 15.33 -4.12
C PRO C 29 9.11 14.69 -2.78
N PRO C 30 8.04 14.37 -2.03
CA PRO C 30 8.21 13.63 -0.77
C PRO C 30 8.83 12.27 -1.03
N LYS C 31 9.63 11.81 -0.07
CA LYS C 31 10.26 10.51 -0.18
C LYS C 31 9.20 9.42 -0.14
N PRO C 32 9.43 8.29 -0.83
CA PRO C 32 8.42 7.23 -0.87
C PRO C 32 8.08 6.65 0.50
N LYS C 33 9.01 6.74 1.45
CA LYS C 33 8.72 6.25 2.80
C LYS C 33 7.61 7.04 3.47
N ASP C 34 7.68 8.38 3.37
CA ASP C 34 6.76 9.23 4.12
C ASP C 34 5.36 9.27 3.54
N THR C 35 5.15 8.77 2.32
CA THR C 35 3.86 8.87 1.64
C THR C 35 3.00 7.62 1.79
N LEU C 36 3.43 6.63 2.57
CA LEU C 36 2.72 5.38 2.69
C LEU C 36 2.41 4.95 4.11
N MET C 37 3.07 5.51 5.12
CA MET C 37 2.84 5.16 6.51
C MET C 37 1.99 6.24 7.17
N ILE C 38 0.94 5.81 7.88
CA ILE C 38 0.08 6.77 8.57
C ILE C 38 0.80 7.40 9.75
N SER C 39 1.90 6.82 10.20
CA SER C 39 2.68 7.34 11.32
C SER C 39 3.77 8.31 10.89
N ARG C 40 3.84 8.65 9.61
CA ARG C 40 4.89 9.51 9.08
C ARG C 40 4.27 10.72 8.40
N THR C 41 4.97 11.85 8.48
CA THR C 41 4.50 13.10 7.89
C THR C 41 5.15 13.29 6.53
N PRO C 42 4.37 13.29 5.44
CA PRO C 42 4.97 13.54 4.12
C PRO C 42 5.11 15.03 3.86
N GLU C 43 6.31 15.45 3.49
CA GLU C 43 6.60 16.85 3.24
C GLU C 43 7.19 17.01 1.83
N VAL C 44 6.89 18.14 1.21
CA VAL C 44 7.42 18.50 -0.10
C VAL C 44 8.12 19.84 0.03
N THR C 45 9.36 19.91 -0.45
CA THR C 45 10.23 21.06 -0.23
C THR C 45 10.60 21.69 -1.57
N CYS C 46 10.50 23.01 -1.65
CA CYS C 46 11.04 23.77 -2.76
C CYS C 46 12.14 24.69 -2.23
N VAL C 47 13.37 24.43 -2.63
CA VAL C 47 14.51 25.23 -2.20
C VAL C 47 14.91 26.17 -3.32
N VAL C 48 15.60 27.25 -2.96
CA VAL C 48 16.06 28.24 -3.91
C VAL C 48 17.55 28.45 -3.69
N VAL C 49 18.32 28.42 -4.78
CA VAL C 49 19.77 28.56 -4.72
C VAL C 49 20.15 29.86 -5.40
N ASP C 50 21.41 30.29 -5.18
CA ASP C 50 21.98 31.48 -5.80
C ASP C 50 21.17 32.73 -5.49
N VAL C 51 20.77 32.89 -4.23
CA VAL C 51 20.05 34.08 -3.80
C VAL C 51 21.07 35.19 -3.56
N SER C 52 20.88 36.32 -4.25
CA SER C 52 21.76 37.46 -4.08
C SER C 52 21.57 38.07 -2.70
N HIS C 53 22.67 38.50 -2.08
CA HIS C 53 22.60 39.10 -0.76
C HIS C 53 21.94 40.48 -0.77
N GLU C 54 21.83 41.11 -1.95
CA GLU C 54 21.15 42.39 -2.03
C GLU C 54 19.65 42.26 -1.75
N ASP C 55 19.06 41.11 -2.08
CA ASP C 55 17.64 40.87 -1.89
C ASP C 55 17.47 39.55 -1.14
N PRO C 56 17.61 39.58 0.19
CA PRO C 56 17.46 38.36 0.99
C PRO C 56 16.05 38.05 1.44
N GLU C 57 15.03 38.69 0.87
CA GLU C 57 13.64 38.48 1.24
C GLU C 57 12.93 37.71 0.14
N VAL C 58 12.49 36.50 0.45
CA VAL C 58 11.79 35.63 -0.50
C VAL C 58 10.43 35.30 0.08
N LYS C 59 9.38 35.56 -0.69
CA LYS C 59 8.01 35.31 -0.27
C LYS C 59 7.50 34.02 -0.90
N PHE C 60 7.03 33.11 -0.06
CA PHE C 60 6.59 31.79 -0.49
C PHE C 60 5.06 31.73 -0.50
N ASN C 61 4.50 31.35 -1.66
CA ASN C 61 3.08 31.07 -1.80
C ASN C 61 2.92 29.63 -2.27
N TRP C 62 2.10 28.87 -1.55
CA TRP C 62 1.91 27.46 -1.83
C TRP C 62 0.53 27.22 -2.43
N TYR C 63 0.48 26.47 -3.52
CA TYR C 63 -0.77 26.15 -4.21
C TYR C 63 -0.91 24.65 -4.32
N VAL C 64 -2.06 24.14 -3.86
CA VAL C 64 -2.40 22.73 -3.98
C VAL C 64 -3.70 22.64 -4.78
N ASP C 65 -3.61 22.04 -5.97
CA ASP C 65 -4.75 21.91 -6.88
C ASP C 65 -5.39 23.25 -7.22
N GLY C 66 -4.57 24.31 -7.29
CA GLY C 66 -5.04 25.62 -7.69
C GLY C 66 -5.52 26.51 -6.56
N VAL C 67 -5.65 25.99 -5.34
CA VAL C 67 -6.08 26.80 -4.21
C VAL C 67 -4.89 27.04 -3.30
N GLU C 68 -4.84 28.24 -2.72
CA GLU C 68 -3.74 28.63 -1.86
C GLU C 68 -3.85 27.95 -0.49
N VAL C 69 -2.72 27.48 0.01
CA VAL C 69 -2.64 26.81 1.30
C VAL C 69 -1.55 27.49 2.12
N HIS C 70 -1.88 27.86 3.36
CA HIS C 70 -0.95 28.55 4.25
C HIS C 70 -0.44 27.65 5.36
N ASN C 71 -0.50 26.34 5.17
CA ASN C 71 -0.03 25.40 6.20
C ASN C 71 1.49 25.28 6.24
N ALA C 72 2.18 25.80 5.24
CA ALA C 72 3.63 25.61 5.15
C ALA C 72 4.36 26.42 6.22
N LYS C 73 5.44 25.84 6.72
CA LYS C 73 6.37 26.51 7.63
C LYS C 73 7.69 26.69 6.91
N THR C 74 8.15 27.94 6.83
CA THR C 74 9.38 28.25 6.11
C THR C 74 10.55 28.24 7.08
N LYS C 75 11.56 27.41 6.77
CA LYS C 75 12.75 27.35 7.60
C LYS C 75 13.59 28.61 7.41
N PRO C 76 14.39 28.97 8.42
CA PRO C 76 15.28 30.13 8.26
C PRO C 76 16.33 29.88 7.18
N ARG C 77 16.83 30.98 6.61
CA ARG C 77 17.80 30.91 5.54
C ARG C 77 19.11 30.29 6.02
N GLU C 78 19.82 29.66 5.10
CA GLU C 78 21.08 28.98 5.38
C GLU C 78 22.20 29.62 4.57
N GLU C 79 23.31 29.92 5.23
CA GLU C 79 24.47 30.49 4.56
C GLU C 79 25.21 29.42 3.76
N GLN C 80 25.70 29.80 2.59
CA GLN C 80 26.40 28.88 1.70
C GLN C 80 27.87 29.25 1.61
N TYR C 81 28.65 28.35 1.02
CA TYR C 81 30.09 28.55 0.90
C TYR C 81 30.45 29.57 -0.17
N ASN C 82 29.64 29.67 -1.24
CA ASN C 82 29.92 30.55 -2.36
C ASN C 82 29.22 31.89 -2.24
N SER C 83 29.03 32.39 -1.02
CA SER C 83 28.47 33.71 -0.75
C SER C 83 27.06 33.87 -1.33
N THR C 84 26.26 32.81 -1.25
CA THR C 84 24.86 32.84 -1.64
C THR C 84 24.00 32.45 -0.44
N TYR C 85 22.69 32.41 -0.67
CA TYR C 85 21.73 32.03 0.36
C TYR C 85 20.83 30.94 -0.17
N ARG C 86 20.34 30.09 0.74
CA ARG C 86 19.47 28.98 0.40
C ARG C 86 18.30 28.97 1.38
N VAL C 87 17.08 29.00 0.84
CA VAL C 87 15.87 29.03 1.65
C VAL C 87 15.05 27.80 1.33
N VAL C 88 14.64 27.08 2.38
CA VAL C 88 13.88 25.84 2.24
C VAL C 88 12.51 26.03 2.88
N SER C 89 11.46 25.74 2.12
CA SER C 89 10.09 25.83 2.60
C SER C 89 9.48 24.43 2.64
N VAL C 90 8.91 24.07 3.79
CA VAL C 90 8.31 22.76 4.00
C VAL C 90 6.81 22.94 4.11
N LEU C 91 6.07 22.20 3.29
CA LEU C 91 4.61 22.13 3.40
C LEU C 91 4.22 20.68 3.59
N THR C 92 3.45 20.41 4.64
CA THR C 92 3.08 19.06 5.03
C THR C 92 1.70 18.73 4.49
N VAL C 93 1.60 17.59 3.80
CA VAL C 93 0.33 17.10 3.29
C VAL C 93 -0.02 15.80 4.01
N CYS C 94 -1.16 15.22 3.67
CA CYS C 94 -1.47 13.86 4.07
C CYS C 94 -1.60 12.98 2.83
N HIS C 95 -1.38 11.68 3.04
CA HIS C 95 -1.01 10.78 1.95
C HIS C 95 -2.14 10.57 0.95
N GLN C 96 -3.40 10.73 1.37
CA GLN C 96 -4.50 10.50 0.43
C GLN C 96 -4.52 11.56 -0.67
N ASP C 97 -4.05 12.77 -0.38
CA ASP C 97 -3.97 13.79 -1.43
C ASP C 97 -2.84 13.49 -2.40
N TRP C 98 -1.67 13.10 -1.90
CA TRP C 98 -0.53 12.86 -2.77
C TRP C 98 -0.73 11.61 -3.62
N LEU C 99 -1.30 10.55 -3.04
CA LEU C 99 -1.48 9.31 -3.78
C LEU C 99 -2.56 9.41 -4.85
N ASN C 100 -3.40 10.45 -4.81
CA ASN C 100 -4.43 10.66 -5.81
C ASN C 100 -3.93 11.43 -7.03
N GLY C 101 -2.65 11.82 -7.04
CA GLY C 101 -2.10 12.55 -8.17
C GLY C 101 -2.29 14.05 -8.12
N LYS C 102 -2.52 14.61 -6.94
CA LYS C 102 -2.74 16.05 -6.83
C LYS C 102 -1.47 16.82 -7.16
N GLU C 103 -1.64 17.91 -7.89
CA GLU C 103 -0.51 18.75 -8.28
C GLU C 103 -0.08 19.64 -7.12
N TYR C 104 1.16 20.12 -7.21
CA TYR C 104 1.71 21.01 -6.19
C TYR C 104 2.57 22.07 -6.86
N LYS C 105 2.31 23.33 -6.54
CA LYS C 105 3.01 24.46 -7.13
C LYS C 105 3.61 25.32 -6.02
N CYS C 106 4.89 25.65 -6.18
CA CYS C 106 5.60 26.50 -5.23
C CYS C 106 5.92 27.83 -5.91
N LYS C 107 5.51 28.93 -5.28
CA LYS C 107 5.70 30.27 -5.82
C LYS C 107 6.80 30.97 -5.04
N VAL C 108 7.79 31.51 -5.75
CA VAL C 108 8.91 32.21 -5.16
C VAL C 108 8.91 33.63 -5.72
N SER C 109 8.91 34.62 -4.83
CA SER C 109 8.93 36.02 -5.21
C SER C 109 10.16 36.69 -4.60
N ASN C 110 10.93 37.38 -5.44
CA ASN C 110 12.13 38.09 -5.00
C ASN C 110 12.28 39.35 -5.83
N LYS C 111 12.93 40.36 -5.22
CA LYS C 111 13.17 41.62 -5.92
C LYS C 111 14.11 41.42 -7.11
N ALA C 112 15.17 40.63 -6.93
CA ALA C 112 16.11 40.39 -8.02
C ALA C 112 15.51 39.53 -9.11
N LEU C 113 14.48 38.75 -8.82
CA LEU C 113 13.86 37.91 -9.82
C LEU C 113 13.05 38.76 -10.80
N PRO C 114 13.35 38.72 -12.10
CA PRO C 114 12.50 39.44 -13.06
C PRO C 114 11.07 38.95 -13.09
N ALA C 115 10.86 37.65 -12.89
CA ALA C 115 9.54 37.05 -12.81
C ALA C 115 9.57 35.95 -11.77
N PRO C 116 8.44 35.67 -11.10
CA PRO C 116 8.39 34.54 -10.17
C PRO C 116 8.60 33.22 -10.88
N ILE C 117 9.22 32.28 -10.18
CA ILE C 117 9.56 30.97 -10.73
C ILE C 117 8.60 29.94 -10.14
N GLU C 118 7.95 29.17 -11.02
CA GLU C 118 6.98 28.17 -10.62
C GLU C 118 7.46 26.79 -11.06
N LYS C 119 7.29 25.80 -10.16
CA LYS C 119 7.57 24.42 -10.48
C LYS C 119 6.42 23.56 -9.99
N THR C 120 6.09 22.52 -10.76
CA THR C 120 4.97 21.64 -10.45
C THR C 120 5.51 20.23 -10.20
N ILE C 121 5.08 19.63 -9.08
CA ILE C 121 5.44 18.26 -8.75
C ILE C 121 4.17 17.50 -8.40
N SER C 122 4.16 16.22 -8.73
CA SER C 122 3.04 15.34 -8.43
C SER C 122 3.55 13.91 -8.45
N LYS C 123 2.71 12.99 -7.99
CA LYS C 123 3.02 11.57 -8.06
C LYS C 123 3.12 11.14 -9.52
N ALA C 124 4.15 10.36 -9.83
CA ALA C 124 4.37 9.90 -11.19
C ALA C 124 3.25 8.96 -11.61
N LYS C 125 2.58 9.31 -12.71
CA LYS C 125 1.49 8.50 -13.20
C LYS C 125 2.02 7.19 -13.80
N GLY C 126 1.11 6.23 -13.97
CA GLY C 126 1.49 4.94 -14.50
C GLY C 126 0.76 3.79 -13.85
N GLN C 127 0.84 2.62 -14.46
CA GLN C 127 0.12 1.46 -13.95
C GLN C 127 0.80 0.93 -12.69
N PRO C 128 0.08 0.81 -11.59
CA PRO C 128 0.64 0.15 -10.41
C PRO C 128 0.85 -1.34 -10.66
N ARG C 129 1.87 -1.89 -10.02
CA ARG C 129 2.12 -3.33 -10.05
C ARG C 129 2.52 -3.79 -8.66
N GLU C 130 1.93 -4.89 -8.23
CA GLU C 130 2.18 -5.41 -6.89
C GLU C 130 3.57 -6.02 -6.83
N PRO C 131 4.47 -5.54 -5.97
CA PRO C 131 5.77 -6.19 -5.83
C PRO C 131 5.64 -7.59 -5.26
N GLN C 132 6.52 -8.47 -5.72
CA GLN C 132 6.60 -9.84 -5.23
C GLN C 132 7.79 -9.94 -4.29
N VAL C 133 7.52 -9.97 -2.99
CA VAL C 133 8.57 -9.97 -1.98
C VAL C 133 9.02 -11.40 -1.73
N TYR C 134 10.30 -11.66 -1.99
CA TYR C 134 10.92 -12.94 -1.70
C TYR C 134 12.12 -12.69 -0.79
N THR C 135 12.17 -13.41 0.33
CA THR C 135 13.29 -13.30 1.26
C THR C 135 14.20 -14.50 1.05
N LEU C 136 15.47 -14.23 0.79
CA LEU C 136 16.45 -15.27 0.55
C LEU C 136 17.39 -15.40 1.73
N PRO C 137 17.58 -16.61 2.26
CA PRO C 137 18.48 -16.79 3.39
C PRO C 137 19.94 -16.61 2.96
N PRO C 138 20.84 -16.38 3.91
CA PRO C 138 22.26 -16.21 3.54
C PRO C 138 22.83 -17.47 2.92
N SER C 139 23.82 -17.27 2.05
CA SER C 139 24.48 -18.39 1.40
C SER C 139 25.28 -19.21 2.41
N ARG C 140 25.57 -20.45 2.04
CA ARG C 140 26.33 -21.34 2.92
C ARG C 140 27.73 -20.82 3.19
N ASP C 141 28.26 -19.97 2.32
CA ASP C 141 29.59 -19.40 2.50
C ASP C 141 29.61 -18.20 3.44
N GLU C 142 28.45 -17.78 3.93
CA GLU C 142 28.41 -16.68 4.89
C GLU C 142 28.40 -17.15 6.33
N LEU C 143 28.10 -18.43 6.58
CA LEU C 143 28.10 -18.95 7.95
C LEU C 143 29.50 -19.12 8.51
N THR C 144 30.55 -19.01 7.69
CA THR C 144 31.89 -18.93 8.22
C THR C 144 32.26 -17.51 8.65
N LYS C 145 31.50 -16.52 8.23
CA LYS C 145 31.74 -15.14 8.60
C LYS C 145 31.10 -14.82 9.94
N ASN C 146 31.55 -13.72 10.54
CA ASN C 146 30.99 -13.30 11.83
C ASN C 146 29.59 -12.74 11.68
N GLN C 147 29.25 -12.19 10.52
CA GLN C 147 27.95 -11.59 10.28
C GLN C 147 27.36 -12.13 8.97
N VAL C 148 26.08 -12.45 9.00
CA VAL C 148 25.37 -12.93 7.83
C VAL C 148 24.63 -11.75 7.21
N SER C 149 24.29 -11.89 5.93
CA SER C 149 23.67 -10.83 5.15
C SER C 149 22.35 -11.35 4.58
N LEU C 150 21.27 -11.13 5.31
CA LEU C 150 19.94 -11.53 4.86
C LEU C 150 19.49 -10.64 3.70
N THR C 151 18.73 -11.24 2.78
CA THR C 151 18.38 -10.59 1.53
C THR C 151 16.86 -10.57 1.35
N CYS C 152 16.34 -9.46 0.86
CA CYS C 152 14.92 -9.32 0.55
C CYS C 152 14.79 -8.79 -0.88
N LEU C 153 14.62 -9.70 -1.83
CA LEU C 153 14.41 -9.32 -3.22
C LEU C 153 12.97 -8.88 -3.41
N VAL C 154 12.78 -7.70 -3.97
CA VAL C 154 11.46 -7.11 -4.16
C VAL C 154 11.35 -6.78 -5.65
N LYS C 155 10.75 -7.68 -6.42
CA LYS C 155 10.77 -7.56 -7.86
C LYS C 155 9.36 -7.38 -8.41
N GLY C 156 9.25 -6.54 -9.44
CA GLY C 156 8.00 -6.37 -10.15
C GLY C 156 7.05 -5.36 -9.56
N PHE C 157 7.49 -4.12 -9.38
CA PHE C 157 6.63 -3.06 -8.87
C PHE C 157 6.79 -1.82 -9.73
N TYR C 158 5.73 -1.01 -9.77
CA TYR C 158 5.73 0.25 -10.48
C TYR C 158 4.80 1.19 -9.75
N PRO C 159 5.21 2.46 -9.54
CA PRO C 159 6.47 3.09 -9.93
C PRO C 159 7.61 2.77 -8.96
N SER C 160 8.73 3.47 -9.06
CA SER C 160 9.85 3.26 -8.15
C SER C 160 9.70 4.08 -6.87
N ASP C 161 8.54 3.99 -6.24
CA ASP C 161 8.23 4.69 -5.00
C ASP C 161 7.95 3.62 -3.95
N ILE C 162 9.00 3.14 -3.29
CA ILE C 162 8.89 2.04 -2.35
C ILE C 162 9.83 2.27 -1.18
N ALA C 163 9.41 1.83 -0.01
CA ALA C 163 10.24 1.84 1.18
C ALA C 163 10.30 0.42 1.73
N VAL C 164 11.51 -0.09 1.94
CA VAL C 164 11.73 -1.44 2.44
C VAL C 164 12.52 -1.35 3.73
N GLU C 165 11.98 -1.93 4.79
CA GLU C 165 12.60 -1.96 6.10
C GLU C 165 12.78 -3.41 6.56
N TRP C 166 13.36 -3.56 7.75
CA TRP C 166 13.53 -4.86 8.37
C TRP C 166 13.13 -4.75 9.83
N GLU C 167 12.69 -5.86 10.41
CA GLU C 167 12.31 -5.87 11.81
C GLU C 167 12.37 -7.30 12.33
N SER C 168 12.88 -7.45 13.55
CA SER C 168 12.91 -8.73 14.24
C SER C 168 12.13 -8.62 15.53
N ASN C 169 11.20 -9.55 15.73
CA ASN C 169 10.36 -9.61 16.94
C ASN C 169 9.61 -8.30 17.17
N GLY C 170 9.18 -7.67 16.07
CA GLY C 170 8.39 -6.45 16.15
C GLY C 170 9.18 -5.18 16.39
N GLN C 171 10.51 -5.26 16.49
CA GLN C 171 11.31 -4.07 16.71
C GLN C 171 12.14 -3.76 15.47
N PRO C 172 12.34 -2.49 15.15
CA PRO C 172 13.03 -2.13 13.90
C PRO C 172 14.49 -2.55 13.89
N GLU C 173 14.99 -2.83 12.70
CA GLU C 173 16.40 -3.12 12.47
C GLU C 173 17.01 -1.97 11.67
N ASN C 174 18.16 -1.48 12.12
CA ASN C 174 18.80 -0.33 11.48
C ASN C 174 20.07 -0.71 10.74
N ASN C 175 20.39 -2.00 10.64
CA ASN C 175 21.60 -2.46 9.98
C ASN C 175 21.33 -2.97 8.57
N TYR C 176 20.37 -2.36 7.87
CA TYR C 176 20.02 -2.74 6.52
C TYR C 176 20.37 -1.63 5.54
N LYS C 177 20.83 -2.00 4.36
CA LYS C 177 21.08 -1.07 3.27
C LYS C 177 20.29 -1.55 2.05
N THR C 178 19.59 -0.63 1.41
CA THR C 178 18.67 -0.95 0.32
C THR C 178 19.18 -0.34 -0.98
N THR C 179 19.30 -1.18 -2.00
CA THR C 179 19.73 -0.71 -3.31
C THR C 179 18.64 0.13 -3.96
N PRO C 180 19.01 1.10 -4.81
CA PRO C 180 17.99 1.86 -5.51
C PRO C 180 17.22 0.98 -6.48
N PRO C 181 15.98 1.35 -6.80
CA PRO C 181 15.20 0.54 -7.74
C PRO C 181 15.89 0.46 -9.10
N VAL C 182 15.91 -0.73 -9.68
CA VAL C 182 16.56 -0.98 -10.95
C VAL C 182 15.54 -1.51 -11.93
N LEU C 183 15.51 -0.93 -13.13
CA LEU C 183 14.54 -1.33 -14.13
C LEU C 183 14.84 -2.74 -14.61
N ASP C 184 13.80 -3.58 -14.66
CA ASP C 184 13.90 -4.94 -15.14
C ASP C 184 13.62 -4.97 -16.63
N SER C 185 13.46 -6.17 -17.20
CA SER C 185 13.12 -6.28 -18.61
C SER C 185 11.65 -5.93 -18.85
N ASP C 186 10.79 -6.26 -17.89
CA ASP C 186 9.35 -6.03 -18.07
C ASP C 186 8.99 -4.55 -17.95
N GLY C 187 9.93 -3.72 -17.53
CA GLY C 187 9.66 -2.33 -17.24
C GLY C 187 9.33 -2.04 -15.80
N SER C 188 8.93 -3.05 -15.03
CA SER C 188 8.78 -2.90 -13.60
C SER C 188 10.14 -2.90 -12.93
N PHE C 189 10.22 -2.21 -11.80
CA PHE C 189 11.48 -2.10 -11.08
C PHE C 189 11.70 -3.33 -10.21
N PHE C 190 12.94 -3.52 -9.76
CA PHE C 190 13.26 -4.53 -8.78
C PHE C 190 14.29 -3.96 -7.81
N LEU C 191 14.27 -4.45 -6.59
CA LEU C 191 15.02 -3.84 -5.50
C LEU C 191 15.57 -4.96 -4.63
N TYR C 192 16.64 -4.64 -3.90
CA TYR C 192 17.26 -5.58 -2.99
C TYR C 192 17.56 -4.89 -1.67
N SER C 193 17.41 -5.62 -0.58
CA SER C 193 17.66 -5.09 0.76
C SER C 193 18.53 -6.08 1.52
N LYS C 194 19.72 -5.64 1.92
CA LYS C 194 20.66 -6.48 2.65
C LYS C 194 20.67 -6.06 4.10
N LEU C 195 20.25 -6.96 4.99
CA LEU C 195 20.31 -6.74 6.43
C LEU C 195 21.46 -7.54 7.00
N THR C 196 22.43 -6.86 7.59
CA THR C 196 23.58 -7.50 8.20
C THR C 196 23.31 -7.68 9.68
N VAL C 197 23.23 -8.94 10.12
CA VAL C 197 23.01 -9.27 11.52
C VAL C 197 24.10 -10.23 11.97
N ASP C 198 24.32 -10.25 13.27
CA ASP C 198 25.31 -11.16 13.84
C ASP C 198 24.90 -12.60 13.59
N LYS C 199 25.89 -13.45 13.32
CA LYS C 199 25.61 -14.86 13.02
C LYS C 199 25.03 -15.57 14.24
N SER C 200 25.38 -15.12 15.45
CA SER C 200 24.77 -15.69 16.65
C SER C 200 23.27 -15.44 16.67
N ARG C 201 22.84 -14.24 16.28
CA ARG C 201 21.42 -13.93 16.22
C ARG C 201 20.70 -14.64 15.08
N TRP C 202 21.43 -15.24 14.14
CA TRP C 202 20.82 -15.99 13.05
C TRP C 202 20.77 -17.49 13.31
N GLN C 203 21.83 -18.05 13.90
CA GLN C 203 21.86 -19.49 14.15
C GLN C 203 20.85 -19.92 15.20
N GLN C 204 20.42 -19.01 16.07
CA GLN C 204 19.36 -19.31 17.01
C GLN C 204 18.00 -19.20 16.30
N GLY C 205 16.93 -19.23 17.06
CA GLY C 205 15.62 -19.01 16.48
C GLY C 205 15.21 -17.56 16.54
N ASN C 206 15.46 -16.83 15.46
CA ASN C 206 15.09 -15.42 15.36
C ASN C 206 14.50 -15.19 13.98
N VAL C 207 13.35 -14.51 13.94
CA VAL C 207 12.62 -14.27 12.71
C VAL C 207 12.83 -12.81 12.32
N PHE C 208 13.46 -12.60 11.17
CA PHE C 208 13.63 -11.28 10.58
C PHE C 208 12.66 -11.17 9.42
N SER C 209 11.84 -10.13 9.43
CA SER C 209 10.79 -9.95 8.43
C SER C 209 11.08 -8.70 7.60
N CYS C 210 10.91 -8.83 6.29
CA CYS C 210 11.13 -7.72 5.36
C CYS C 210 9.83 -6.95 5.21
N SER C 211 9.83 -5.68 5.60
CA SER C 211 8.64 -4.84 5.59
C SER C 211 8.65 -4.00 4.32
N VAL C 212 7.79 -4.37 3.37
CA VAL C 212 7.74 -3.73 2.05
C VAL C 212 6.49 -2.89 1.98
N MET C 213 6.64 -1.60 1.71
CA MET C 213 5.53 -0.67 1.61
C MET C 213 5.51 -0.08 0.21
N HIS C 214 4.50 -0.46 -0.58
CA HIS C 214 4.32 0.04 -1.93
C HIS C 214 2.86 0.42 -2.13
N GLU C 215 2.63 1.42 -2.98
CA GLU C 215 1.28 1.92 -3.21
C GLU C 215 0.38 0.91 -3.92
N ALA C 216 0.94 -0.15 -4.51
CA ALA C 216 0.15 -1.14 -5.23
C ALA C 216 -0.23 -2.34 -4.39
N LEU C 217 0.47 -2.59 -3.29
CA LEU C 217 0.12 -3.69 -2.42
C LEU C 217 -1.18 -3.41 -1.67
N HIS C 218 -1.85 -4.48 -1.26
CA HIS C 218 -3.04 -4.33 -0.44
C HIS C 218 -2.65 -3.79 0.93
N ASN C 219 -3.34 -2.73 1.36
CA ASN C 219 -3.05 -1.99 2.59
C ASN C 219 -1.65 -1.39 2.60
N HIS C 220 -1.02 -1.31 1.41
CA HIS C 220 0.30 -0.70 1.23
C HIS C 220 1.36 -1.34 2.13
N TYR C 221 1.29 -2.66 2.29
CA TYR C 221 2.23 -3.33 3.18
C TYR C 221 2.30 -4.81 2.83
N THR C 222 3.50 -5.37 2.99
CA THR C 222 3.74 -6.80 2.89
C THR C 222 4.89 -7.15 3.82
N GLN C 223 4.75 -8.26 4.53
CA GLN C 223 5.73 -8.66 5.54
C GLN C 223 6.09 -10.12 5.29
N LYS C 224 7.28 -10.36 4.75
CA LYS C 224 7.76 -11.70 4.45
C LYS C 224 8.76 -12.12 5.53
N SER C 225 8.44 -13.20 6.24
CA SER C 225 9.30 -13.68 7.31
C SER C 225 10.46 -14.49 6.74
N LEU C 226 11.58 -14.48 7.46
CA LEU C 226 12.77 -15.21 7.04
C LEU C 226 13.57 -15.59 8.28
N ASP C 227 13.76 -16.88 8.49
CA ASP C 227 14.53 -17.40 9.62
C ASP C 227 15.33 -18.62 9.17
N LYS C 228 15.99 -19.27 10.12
CA LYS C 228 16.90 -20.37 9.80
C LYS C 228 16.20 -21.56 9.17
N SER C 229 14.94 -21.81 9.55
CA SER C 229 14.23 -22.99 9.05
C SER C 229 13.95 -22.86 7.55
N THR C 230 13.70 -21.66 7.06
CA THR C 230 13.38 -21.46 5.65
C THR C 230 14.62 -21.65 4.78
N GLY D 22 -35.21 23.35 20.48
CA GLY D 22 -33.78 23.16 20.70
C GLY D 22 -33.29 21.78 20.31
N PRO D 23 -32.74 21.67 19.10
CA PRO D 23 -32.23 20.37 18.65
C PRO D 23 -31.02 19.93 19.46
N SER D 24 -30.86 18.61 19.55
CA SER D 24 -29.76 18.02 20.31
C SER D 24 -28.53 17.84 19.41
N VAL D 25 -27.36 17.81 20.04
CA VAL D 25 -26.09 17.67 19.35
C VAL D 25 -25.38 16.43 19.87
N PHE D 26 -24.97 15.56 18.94
CA PHE D 26 -24.20 14.37 19.26
C PHE D 26 -23.02 14.27 18.30
N LEU D 27 -21.94 13.66 18.79
CA LEU D 27 -20.71 13.53 18.02
C LEU D 27 -20.23 12.08 18.07
N PHE D 28 -19.79 11.58 16.92
CA PHE D 28 -19.29 10.22 16.81
C PHE D 28 -17.88 10.25 16.25
N PRO D 29 -16.90 9.66 16.92
CA PRO D 29 -15.53 9.64 16.40
C PRO D 29 -15.43 8.72 15.21
N PRO D 30 -14.43 8.90 14.35
CA PRO D 30 -14.23 7.96 13.24
C PRO D 30 -13.91 6.56 13.75
N LYS D 31 -14.35 5.57 12.99
CA LYS D 31 -14.08 4.19 13.38
C LYS D 31 -12.59 3.89 13.28
N PRO D 32 -12.08 3.00 14.15
CA PRO D 32 -10.64 2.72 14.15
C PRO D 32 -10.10 2.20 12.83
N LYS D 33 -10.89 1.42 12.09
CA LYS D 33 -10.43 0.89 10.80
C LYS D 33 -10.13 2.02 9.82
N ASP D 34 -10.99 3.03 9.78
CA ASP D 34 -10.78 4.14 8.86
C ASP D 34 -9.52 4.93 9.22
N THR D 35 -9.25 5.10 10.51
CA THR D 35 -8.09 5.87 10.93
C THR D 35 -6.81 5.05 10.94
N LEU D 36 -6.88 3.74 10.80
CA LEU D 36 -5.70 2.88 10.87
C LEU D 36 -5.32 2.25 9.55
N MET D 37 -6.03 2.52 8.46
CA MET D 37 -5.64 2.10 7.13
C MET D 37 -5.52 3.32 6.24
N ILE D 38 -4.33 3.51 5.65
CA ILE D 38 -4.10 4.64 4.75
C ILE D 38 -4.93 4.51 3.48
N SER D 39 -5.33 3.28 3.10
CA SER D 39 -6.14 3.10 1.91
C SER D 39 -7.55 3.65 2.07
N ARG D 40 -8.02 3.83 3.30
CA ARG D 40 -9.34 4.38 3.57
C ARG D 40 -9.23 5.82 4.06
N THR D 41 -10.35 6.52 4.02
CA THR D 41 -10.43 7.91 4.47
C THR D 41 -11.21 7.98 5.77
N PRO D 42 -10.60 8.41 6.88
CA PRO D 42 -11.36 8.52 8.13
C PRO D 42 -12.34 9.68 8.07
N GLU D 43 -13.56 9.43 8.55
CA GLU D 43 -14.64 10.42 8.51
C GLU D 43 -15.22 10.56 9.91
N VAL D 44 -15.18 11.77 10.45
CA VAL D 44 -15.80 12.07 11.75
C VAL D 44 -17.21 12.57 11.50
N THR D 45 -18.18 11.97 12.19
CA THR D 45 -19.59 12.18 11.92
C THR D 45 -20.21 12.98 13.06
N CYS D 46 -20.77 14.15 12.73
CA CYS D 46 -21.52 14.97 13.68
C CYS D 46 -22.99 14.82 13.36
N VAL D 47 -23.78 14.42 14.35
CA VAL D 47 -25.20 14.12 14.18
C VAL D 47 -26.00 15.12 14.98
N VAL D 48 -26.95 15.79 14.32
CA VAL D 48 -27.88 16.70 14.97
C VAL D 48 -29.28 16.18 14.75
N VAL D 49 -29.98 15.87 15.84
CA VAL D 49 -31.32 15.31 15.76
C VAL D 49 -32.30 16.21 16.50
N ASP D 50 -33.58 15.84 16.47
CA ASP D 50 -34.66 16.59 17.11
C ASP D 50 -34.72 18.04 16.60
N VAL D 51 -34.49 18.21 15.30
CA VAL D 51 -34.54 19.53 14.69
C VAL D 51 -35.98 19.91 14.44
N SER D 52 -36.40 21.04 15.00
CA SER D 52 -37.76 21.51 14.83
C SER D 52 -38.00 21.95 13.39
N HIS D 53 -39.23 21.74 12.91
CA HIS D 53 -39.59 22.12 11.55
C HIS D 53 -39.72 23.62 11.38
N GLU D 54 -39.86 24.37 12.48
CA GLU D 54 -39.96 25.82 12.39
C GLU D 54 -38.66 26.43 11.90
N ASP D 55 -37.52 25.94 12.39
CA ASP D 55 -36.19 26.42 11.99
C ASP D 55 -35.34 25.23 11.61
N PRO D 56 -35.57 24.64 10.43
CA PRO D 56 -34.79 23.47 10.01
C PRO D 56 -33.44 23.80 9.42
N GLU D 57 -33.12 25.07 9.20
CA GLU D 57 -31.84 25.46 8.62
C GLU D 57 -30.76 25.41 9.70
N VAL D 58 -29.73 24.59 9.47
CA VAL D 58 -28.63 24.41 10.41
C VAL D 58 -27.32 24.74 9.69
N LYS D 59 -26.54 25.63 10.28
CA LYS D 59 -25.24 26.01 9.75
C LYS D 59 -24.15 25.35 10.58
N PHE D 60 -23.20 24.69 9.92
CA PHE D 60 -22.17 23.91 10.59
C PHE D 60 -20.81 24.58 10.43
N ASN D 61 -20.06 24.62 11.52
CA ASN D 61 -18.70 25.16 11.54
C ASN D 61 -17.78 24.15 12.22
N TRP D 62 -16.60 23.95 11.64
CA TRP D 62 -15.63 23.00 12.17
C TRP D 62 -14.31 23.69 12.46
N TYR D 63 -13.62 23.22 13.49
CA TYR D 63 -12.36 23.80 13.92
C TYR D 63 -11.28 22.72 13.94
N VAL D 64 -10.06 23.12 13.57
CA VAL D 64 -8.88 22.27 13.66
C VAL D 64 -7.89 23.03 14.53
N ASP D 65 -7.82 22.68 15.81
CA ASP D 65 -7.00 23.38 16.81
C ASP D 65 -7.36 24.86 16.85
N GLY D 66 -8.65 25.17 16.72
CA GLY D 66 -9.13 26.53 16.74
C GLY D 66 -9.10 27.24 15.41
N VAL D 67 -8.55 26.62 14.38
CA VAL D 67 -8.45 27.22 13.05
C VAL D 67 -9.65 26.76 12.24
N GLU D 68 -10.42 27.71 11.73
CA GLU D 68 -11.64 27.39 11.00
C GLU D 68 -11.32 26.68 9.69
N VAL D 69 -12.11 25.66 9.37
CA VAL D 69 -11.95 24.88 8.15
C VAL D 69 -13.29 24.79 7.44
N HIS D 70 -13.23 24.51 6.14
CA HIS D 70 -14.44 24.46 5.31
C HIS D 70 -14.50 23.17 4.48
N ASN D 71 -13.71 22.16 4.83
CA ASN D 71 -13.72 20.90 4.09
C ASN D 71 -14.92 20.03 4.42
N ALA D 72 -15.68 20.36 5.46
CA ALA D 72 -16.82 19.55 5.84
C ALA D 72 -17.97 19.70 4.84
N LYS D 73 -18.66 18.61 4.58
CA LYS D 73 -19.84 18.61 3.71
C LYS D 73 -21.07 18.26 4.54
N THR D 74 -22.18 18.89 4.21
CA THR D 74 -23.44 18.72 4.94
C THR D 74 -24.36 17.80 4.16
N LYS D 75 -24.77 16.70 4.79
CA LYS D 75 -25.71 15.78 4.18
C LYS D 75 -27.12 16.36 4.19
N PRO D 76 -27.94 16.00 3.21
CA PRO D 76 -29.34 16.45 3.22
C PRO D 76 -30.09 15.94 4.44
N ARG D 77 -30.97 16.79 4.97
CA ARG D 77 -31.74 16.43 6.15
C ARG D 77 -32.78 15.38 5.81
N GLU D 78 -33.06 14.50 6.78
CA GLU D 78 -34.04 13.44 6.64
C GLU D 78 -34.99 13.48 7.83
N GLU D 79 -36.28 13.32 7.56
CA GLU D 79 -37.28 13.36 8.62
C GLU D 79 -37.22 12.11 9.47
N GLN D 80 -37.52 12.28 10.76
CA GLN D 80 -37.56 11.17 11.71
C GLN D 80 -39.02 10.79 12.00
N TYR D 81 -39.18 9.68 12.72
CA TYR D 81 -40.50 9.17 13.02
C TYR D 81 -41.25 10.05 14.01
N ASN D 82 -40.54 10.85 14.81
CA ASN D 82 -41.16 11.75 15.78
C ASN D 82 -41.35 13.16 15.24
N SER D 83 -41.52 13.30 13.92
CA SER D 83 -41.80 14.58 13.27
C SER D 83 -40.69 15.61 13.51
N THR D 84 -39.45 15.14 13.49
CA THR D 84 -38.28 16.01 13.59
C THR D 84 -37.41 15.82 12.35
N TYR D 85 -36.24 16.45 12.36
CA TYR D 85 -35.29 16.37 11.26
C TYR D 85 -33.91 16.02 11.79
N ARG D 86 -33.13 15.36 10.94
CA ARG D 86 -31.76 14.98 11.28
C ARG D 86 -30.83 15.43 10.17
N VAL D 87 -29.87 16.28 10.51
CA VAL D 87 -28.86 16.76 9.57
C VAL D 87 -27.50 16.36 10.12
N VAL D 88 -26.65 15.81 9.25
CA VAL D 88 -25.35 15.27 9.64
C VAL D 88 -24.26 15.98 8.85
N SER D 89 -23.27 16.51 9.56
CA SER D 89 -22.11 17.15 8.95
C SER D 89 -20.87 16.30 9.18
N VAL D 90 -20.17 15.98 8.10
CA VAL D 90 -18.99 15.12 8.14
C VAL D 90 -17.81 15.90 7.59
N LEU D 91 -16.71 15.92 8.35
CA LEU D 91 -15.51 16.64 7.96
C LEU D 91 -14.45 15.65 7.48
N THR D 92 -13.90 15.90 6.30
CA THR D 92 -12.85 15.05 5.75
C THR D 92 -11.56 15.26 6.53
N VAL D 93 -11.13 14.22 7.24
CA VAL D 93 -9.88 14.26 7.99
C VAL D 93 -8.95 13.18 7.46
N CYS D 94 -7.66 13.45 7.51
CA CYS D 94 -6.64 12.45 7.21
C CYS D 94 -5.93 12.03 8.48
N HIS D 95 -5.23 10.89 8.39
CA HIS D 95 -4.90 10.11 9.58
C HIS D 95 -3.89 10.80 10.47
N GLN D 96 -2.93 11.53 9.89
CA GLN D 96 -1.86 12.11 10.70
C GLN D 96 -2.39 13.14 11.68
N ASP D 97 -3.35 13.96 11.25
CA ASP D 97 -3.91 14.97 12.15
C ASP D 97 -4.78 14.33 13.24
N TRP D 98 -5.50 13.26 12.91
CA TRP D 98 -6.29 12.59 13.94
C TRP D 98 -5.43 11.83 14.94
N LEU D 99 -4.27 11.31 14.49
CA LEU D 99 -3.48 10.45 15.36
C LEU D 99 -2.72 11.25 16.41
N ASN D 100 -2.17 12.40 16.05
CA ASN D 100 -1.42 13.19 17.01
C ASN D 100 -2.30 13.91 18.02
N GLY D 101 -3.61 13.93 17.81
CA GLY D 101 -4.53 14.50 18.77
C GLY D 101 -4.94 15.93 18.47
N LYS D 102 -5.34 16.20 17.23
CA LYS D 102 -5.85 17.52 16.88
C LYS D 102 -7.25 17.70 17.46
N GLU D 103 -7.47 18.85 18.09
CA GLU D 103 -8.77 19.14 18.69
C GLU D 103 -9.74 19.58 17.61
N TYR D 104 -10.88 18.88 17.52
CA TYR D 104 -11.90 19.16 16.52
C TYR D 104 -13.17 19.61 17.22
N LYS D 105 -13.67 20.78 16.86
CA LYS D 105 -14.87 21.35 17.46
C LYS D 105 -15.99 21.36 16.44
N CYS D 106 -17.12 20.77 16.80
CA CYS D 106 -18.31 20.74 15.93
C CYS D 106 -19.30 21.77 16.47
N LYS D 107 -19.22 22.99 15.94
CA LYS D 107 -20.12 24.06 16.34
C LYS D 107 -21.38 23.99 15.50
N VAL D 108 -22.53 23.85 16.16
CA VAL D 108 -23.82 23.74 15.50
C VAL D 108 -24.58 25.04 15.74
N SER D 109 -24.94 25.72 14.65
CA SER D 109 -25.65 26.99 14.73
C SER D 109 -27.13 26.75 14.46
N ASN D 110 -27.97 27.20 15.39
CA ASN D 110 -29.41 27.01 15.27
C ASN D 110 -30.12 28.20 15.90
N LYS D 111 -31.20 28.65 15.26
CA LYS D 111 -31.96 29.77 15.79
C LYS D 111 -32.82 29.37 16.98
N ALA D 112 -33.33 28.14 16.99
CA ALA D 112 -34.12 27.68 18.13
C ALA D 112 -33.28 27.58 19.39
N LEU D 113 -32.04 27.09 19.27
CA LEU D 113 -31.12 27.10 20.39
C LEU D 113 -30.72 28.53 20.71
N PRO D 114 -30.79 28.95 21.98
CA PRO D 114 -30.38 30.33 22.32
C PRO D 114 -28.92 30.62 22.01
N ALA D 115 -28.04 29.64 22.14
CA ALA D 115 -26.63 29.78 21.80
C ALA D 115 -26.19 28.54 21.02
N PRO D 116 -25.24 28.69 20.10
CA PRO D 116 -24.71 27.52 19.39
C PRO D 116 -23.99 26.57 20.34
N ILE D 117 -24.06 25.28 20.03
CA ILE D 117 -23.46 24.23 20.85
C ILE D 117 -22.10 23.89 20.28
N GLU D 118 -21.05 24.09 21.08
CA GLU D 118 -19.68 23.76 20.72
C GLU D 118 -19.19 22.66 21.65
N LYS D 119 -18.71 21.56 21.06
CA LYS D 119 -18.19 20.44 21.83
C LYS D 119 -16.85 20.01 21.26
N THR D 120 -16.01 19.46 22.14
CA THR D 120 -14.63 19.13 21.81
C THR D 120 -14.48 17.62 21.67
N ILE D 121 -13.85 17.19 20.57
CA ILE D 121 -13.54 15.78 20.34
C ILE D 121 -12.08 15.68 19.91
N SER D 122 -11.47 14.54 20.23
CA SER D 122 -10.09 14.26 19.89
C SER D 122 -9.85 12.77 20.12
N LYS D 123 -8.68 12.31 19.72
CA LYS D 123 -8.30 10.92 19.96
C LYS D 123 -8.13 10.67 21.45
N ALA D 124 -8.63 9.54 21.92
CA ALA D 124 -8.55 9.20 23.33
C ALA D 124 -7.10 9.01 23.75
N LYS D 125 -6.60 9.94 24.57
CA LYS D 125 -5.21 9.90 25.01
C LYS D 125 -5.01 8.78 26.01
N GLY D 126 -3.88 8.09 25.91
CA GLY D 126 -3.56 7.02 26.84
C GLY D 126 -2.31 6.30 26.39
N GLN D 127 -1.75 5.53 27.30
CA GLN D 127 -0.53 4.79 27.01
C GLN D 127 -0.85 3.66 26.03
N PRO D 128 -0.08 3.49 24.96
CA PRO D 128 -0.33 2.39 24.03
C PRO D 128 0.50 1.16 24.34
N ARG D 129 -0.12 0.00 24.21
CA ARG D 129 0.54 -1.28 24.42
C ARG D 129 0.52 -2.06 23.10
N GLU D 130 1.67 -2.57 22.70
CA GLU D 130 1.80 -3.20 21.39
C GLU D 130 1.07 -4.53 21.37
N PRO D 131 0.26 -4.80 20.34
CA PRO D 131 -0.37 -6.12 20.21
C PRO D 131 0.67 -7.20 19.97
N GLN D 132 0.35 -8.40 20.43
CA GLN D 132 1.20 -9.58 20.25
C GLN D 132 0.44 -10.56 19.38
N VAL D 133 0.62 -10.42 18.07
CA VAL D 133 -0.14 -11.21 17.10
C VAL D 133 0.47 -12.61 17.01
N TYR D 134 -0.32 -13.60 17.38
CA TYR D 134 0.02 -15.00 17.18
C TYR D 134 -1.06 -15.63 16.31
N THR D 135 -0.65 -16.33 15.26
CA THR D 135 -1.58 -16.99 14.35
C THR D 135 -1.51 -18.49 14.59
N LEU D 136 -2.68 -19.12 14.74
CA LEU D 136 -2.76 -20.51 15.14
C LEU D 136 -3.31 -21.36 14.02
N PRO D 137 -2.69 -22.49 13.71
CA PRO D 137 -3.23 -23.39 12.68
C PRO D 137 -4.48 -24.09 13.16
N PRO D 138 -5.31 -24.59 12.25
CA PRO D 138 -6.52 -25.28 12.67
C PRO D 138 -6.22 -26.56 13.43
N SER D 139 -7.15 -26.94 14.29
CA SER D 139 -7.04 -28.19 15.02
C SER D 139 -7.10 -29.38 14.07
N ARG D 140 -6.37 -30.44 14.42
CA ARG D 140 -6.37 -31.65 13.59
C ARG D 140 -7.74 -32.30 13.53
N ASP D 141 -8.60 -32.04 14.52
CA ASP D 141 -9.96 -32.55 14.47
C ASP D 141 -10.76 -31.91 13.35
N GLU D 142 -10.43 -30.67 12.99
CA GLU D 142 -11.10 -29.98 11.91
C GLU D 142 -10.50 -30.28 10.55
N LEU D 143 -9.35 -30.97 10.50
CA LEU D 143 -8.75 -31.30 9.21
C LEU D 143 -9.61 -32.30 8.44
N THR D 144 -10.41 -33.10 9.14
CA THR D 144 -11.35 -34.00 8.48
C THR D 144 -12.63 -33.30 8.05
N LYS D 145 -12.85 -32.07 8.49
CA LYS D 145 -14.03 -31.32 8.09
C LYS D 145 -13.87 -30.79 6.67
N ASN D 146 -14.95 -30.22 6.15
CA ASN D 146 -14.94 -29.64 4.81
C ASN D 146 -14.37 -28.24 4.79
N GLN D 147 -14.09 -27.63 5.95
CA GLN D 147 -13.69 -26.23 6.01
C GLN D 147 -12.87 -26.02 7.27
N VAL D 148 -11.56 -25.84 7.11
CA VAL D 148 -10.74 -25.51 8.26
C VAL D 148 -10.99 -24.07 8.69
N SER D 149 -10.57 -23.76 9.92
CA SER D 149 -10.81 -22.44 10.51
C SER D 149 -9.49 -21.92 11.09
N LEU D 150 -8.77 -21.15 10.29
CA LEU D 150 -7.55 -20.50 10.76
C LEU D 150 -7.89 -19.45 11.79
N THR D 151 -6.95 -19.19 12.70
CA THR D 151 -7.17 -18.31 13.83
C THR D 151 -6.03 -17.31 13.94
N CYS D 152 -6.34 -16.12 14.45
CA CYS D 152 -5.34 -15.07 14.65
C CYS D 152 -5.62 -14.41 16.00
N LEU D 153 -5.01 -14.94 17.06
CA LEU D 153 -5.08 -14.32 18.36
C LEU D 153 -4.27 -13.03 18.37
N VAL D 154 -4.88 -11.96 18.86
CA VAL D 154 -4.22 -10.64 18.96
C VAL D 154 -4.45 -10.18 20.39
N LYS D 155 -3.44 -10.32 21.25
CA LYS D 155 -3.61 -10.07 22.66
C LYS D 155 -2.68 -8.98 23.15
N GLY D 156 -2.98 -8.47 24.35
CA GLY D 156 -2.13 -7.51 25.03
C GLY D 156 -1.98 -6.16 24.36
N PHE D 157 -3.08 -5.59 23.87
CA PHE D 157 -3.02 -4.29 23.21
C PHE D 157 -4.00 -3.31 23.86
N TYR D 158 -3.55 -2.07 24.03
CA TYR D 158 -4.37 -1.01 24.58
C TYR D 158 -4.11 0.18 23.66
N PRO D 159 -5.15 0.87 23.18
CA PRO D 159 -6.58 0.70 23.46
C PRO D 159 -7.26 -0.28 22.52
N SER D 160 -8.58 -0.26 22.47
CA SER D 160 -9.35 -1.20 21.66
C SER D 160 -9.52 -0.75 20.22
N ASP D 161 -8.94 0.39 19.84
CA ASP D 161 -9.01 0.87 18.46
C ASP D 161 -8.04 0.04 17.62
N ILE D 162 -8.56 -1.05 17.07
CA ILE D 162 -7.77 -2.00 16.30
C ILE D 162 -8.56 -2.40 15.05
N ALA D 163 -7.84 -2.94 14.07
CA ALA D 163 -8.45 -3.50 12.87
C ALA D 163 -7.69 -4.75 12.48
N VAL D 164 -8.41 -5.84 12.25
CA VAL D 164 -7.82 -7.13 11.90
C VAL D 164 -8.39 -7.58 10.57
N GLU D 165 -7.51 -7.97 9.66
CA GLU D 165 -7.87 -8.44 8.33
C GLU D 165 -7.14 -9.74 8.05
N TRP D 166 -7.53 -10.41 6.97
CA TRP D 166 -6.88 -11.63 6.54
C TRP D 166 -6.47 -11.48 5.08
N GLU D 167 -5.38 -12.16 4.71
CA GLU D 167 -4.79 -12.04 3.39
C GLU D 167 -4.41 -13.41 2.87
N SER D 168 -4.30 -13.51 1.55
CA SER D 168 -3.82 -14.73 0.91
C SER D 168 -3.27 -14.32 -0.45
N ASN D 169 -1.95 -14.47 -0.64
CA ASN D 169 -1.26 -14.07 -1.86
C ASN D 169 -1.50 -12.59 -2.17
N GLY D 170 -1.50 -11.77 -1.13
CA GLY D 170 -1.64 -10.34 -1.30
C GLY D 170 -3.05 -9.84 -1.51
N GLN D 171 -4.05 -10.71 -1.41
CA GLN D 171 -5.43 -10.29 -1.61
C GLN D 171 -6.25 -10.58 -0.36
N PRO D 172 -7.20 -9.71 0.00
CA PRO D 172 -7.93 -9.90 1.25
C PRO D 172 -8.92 -11.05 1.15
N GLU D 173 -8.90 -11.92 2.16
CA GLU D 173 -9.93 -12.93 2.31
C GLU D 173 -11.20 -12.30 2.87
N ASN D 174 -12.35 -12.88 2.51
CA ASN D 174 -13.63 -12.28 2.84
C ASN D 174 -14.50 -13.17 3.72
N ASN D 175 -13.97 -14.29 4.20
CA ASN D 175 -14.73 -15.22 5.05
C ASN D 175 -14.20 -15.22 6.47
N TYR D 176 -13.80 -14.06 6.98
CA TYR D 176 -13.24 -13.94 8.32
C TYR D 176 -14.16 -13.13 9.21
N LYS D 177 -14.28 -13.55 10.47
CA LYS D 177 -15.07 -12.85 11.47
C LYS D 177 -14.19 -12.60 12.68
N THR D 178 -14.19 -11.36 13.17
CA THR D 178 -13.33 -10.94 14.27
C THR D 178 -14.19 -10.72 15.52
N THR D 179 -13.80 -11.34 16.62
CA THR D 179 -14.52 -11.17 17.87
C THR D 179 -14.29 -9.77 18.42
N PRO D 180 -15.26 -9.23 19.15
CA PRO D 180 -15.07 -7.90 19.73
C PRO D 180 -13.93 -7.91 20.74
N PRO D 181 -13.25 -6.78 20.91
CA PRO D 181 -12.11 -6.75 21.84
C PRO D 181 -12.55 -6.99 23.27
N VAL D 182 -12.02 -8.05 23.85
CA VAL D 182 -12.36 -8.47 25.21
C VAL D 182 -11.28 -7.95 26.15
N LEU D 183 -11.69 -7.36 27.27
CA LEU D 183 -10.73 -6.87 28.24
C LEU D 183 -10.03 -8.04 28.92
N ASP D 184 -8.70 -8.03 28.89
CA ASP D 184 -7.90 -9.07 29.47
C ASP D 184 -7.77 -8.86 30.98
N SER D 185 -7.01 -9.75 31.63
CA SER D 185 -6.86 -9.67 33.08
C SER D 185 -6.02 -8.45 33.48
N ASP D 186 -4.97 -8.16 32.71
CA ASP D 186 -4.03 -7.10 33.05
C ASP D 186 -4.43 -5.73 32.49
N GLY D 187 -5.70 -5.54 32.17
CA GLY D 187 -6.17 -4.26 31.67
C GLY D 187 -5.95 -4.03 30.19
N SER D 188 -5.32 -4.96 29.50
CA SER D 188 -5.13 -4.87 28.05
C SER D 188 -6.37 -5.42 27.36
N PHE D 189 -6.28 -5.65 26.05
CA PHE D 189 -7.37 -6.21 25.27
C PHE D 189 -6.87 -7.38 24.46
N PHE D 190 -7.78 -8.27 24.09
CA PHE D 190 -7.44 -9.39 23.23
C PHE D 190 -8.66 -9.74 22.39
N LEU D 191 -8.41 -10.30 21.22
CA LEU D 191 -9.49 -10.74 20.34
C LEU D 191 -8.95 -11.87 19.45
N TYR D 192 -9.81 -12.35 18.57
CA TYR D 192 -9.47 -13.41 17.64
C TYR D 192 -9.94 -13.03 16.25
N SER D 193 -9.64 -13.89 15.29
CA SER D 193 -10.09 -13.68 13.92
C SER D 193 -10.14 -15.05 13.24
N LYS D 194 -11.35 -15.61 13.14
CA LYS D 194 -11.52 -16.93 12.53
C LYS D 194 -11.77 -16.77 11.04
N LEU D 195 -10.87 -17.30 10.22
CA LEU D 195 -11.03 -17.32 8.78
C LEU D 195 -11.40 -18.73 8.35
N THR D 196 -12.56 -18.89 7.72
CA THR D 196 -13.03 -20.18 7.25
C THR D 196 -12.49 -20.41 5.84
N VAL D 197 -11.50 -21.29 5.73
CA VAL D 197 -10.83 -21.59 4.48
C VAL D 197 -11.18 -23.01 4.07
N ASP D 198 -11.51 -23.19 2.80
CA ASP D 198 -11.80 -24.52 2.28
C ASP D 198 -10.61 -25.44 2.54
N LYS D 199 -10.89 -26.65 3.04
CA LYS D 199 -9.84 -27.58 3.42
C LYS D 199 -8.89 -27.88 2.27
N SER D 200 -9.42 -27.87 1.04
CA SER D 200 -8.56 -28.09 -0.12
C SER D 200 -7.50 -27.01 -0.23
N ARG D 201 -7.89 -25.74 -0.11
CA ARG D 201 -6.93 -24.64 -0.21
C ARG D 201 -5.90 -24.71 0.90
N TRP D 202 -6.33 -25.10 2.10
CA TRP D 202 -5.39 -25.22 3.22
C TRP D 202 -4.40 -26.35 3.00
N GLN D 203 -4.82 -27.43 2.35
CA GLN D 203 -3.95 -28.60 2.21
C GLN D 203 -2.96 -28.49 1.05
N GLN D 204 -3.01 -27.44 0.24
CA GLN D 204 -1.99 -27.20 -0.77
C GLN D 204 -0.91 -26.24 -0.30
N GLY D 205 -0.86 -25.96 1.00
CA GLY D 205 0.20 -25.13 1.54
C GLY D 205 0.05 -23.65 1.24
N ASN D 206 -1.17 -23.18 0.98
CA ASN D 206 -1.39 -21.76 0.74
C ASN D 206 -1.09 -20.96 1.99
N VAL D 207 -0.51 -19.78 1.82
CA VAL D 207 -0.12 -18.93 2.94
C VAL D 207 -1.25 -17.95 3.21
N PHE D 208 -1.76 -17.95 4.44
CA PHE D 208 -2.80 -17.02 4.88
C PHE D 208 -2.23 -16.17 5.98
N SER D 209 -2.21 -14.86 5.78
CA SER D 209 -1.62 -13.91 6.71
C SER D 209 -2.70 -13.15 7.46
N CYS D 210 -2.38 -12.75 8.68
CA CYS D 210 -3.27 -11.96 9.52
C CYS D 210 -2.68 -10.57 9.66
N SER D 211 -3.43 -9.56 9.22
CA SER D 211 -2.98 -8.17 9.24
C SER D 211 -3.62 -7.46 10.41
N VAL D 212 -2.80 -6.85 11.26
CA VAL D 212 -3.26 -6.14 12.44
C VAL D 212 -2.80 -4.70 12.33
N MET D 213 -3.74 -3.77 12.34
CA MET D 213 -3.47 -2.34 12.24
C MET D 213 -3.84 -1.70 13.57
N HIS D 214 -2.84 -1.44 14.40
CA HIS D 214 -3.06 -0.84 15.72
C HIS D 214 -2.10 0.33 15.88
N GLU D 215 -2.52 1.27 16.74
CA GLU D 215 -1.74 2.48 16.95
C GLU D 215 -0.37 2.17 17.55
N ALA D 216 -0.30 1.21 18.46
CA ALA D 216 0.92 0.94 19.22
C ALA D 216 1.96 0.16 18.44
N LEU D 217 1.65 -0.33 17.25
CA LEU D 217 2.59 -1.14 16.50
C LEU D 217 3.70 -0.27 15.91
N HIS D 218 4.68 -0.91 15.28
CA HIS D 218 5.83 -0.20 14.74
C HIS D 218 5.41 0.76 13.63
N ASN D 219 4.91 0.23 12.52
CA ASN D 219 4.40 1.03 11.42
C ASN D 219 2.88 0.96 11.34
N HIS D 220 2.23 0.77 12.50
CA HIS D 220 0.78 0.58 12.60
C HIS D 220 0.32 -0.60 11.75
N TYR D 221 1.17 -1.63 11.67
CA TYR D 221 0.85 -2.80 10.87
C TYR D 221 1.70 -3.96 11.35
N THR D 222 1.11 -5.16 11.35
CA THR D 222 1.85 -6.39 11.65
C THR D 222 1.15 -7.52 10.92
N GLN D 223 1.90 -8.23 10.08
CA GLN D 223 1.34 -9.27 9.23
C GLN D 223 2.03 -10.59 9.57
N LYS D 224 1.28 -11.51 10.18
CA LYS D 224 1.81 -12.80 10.61
C LYS D 224 1.20 -13.88 9.71
N SER D 225 2.02 -14.46 8.84
CA SER D 225 1.55 -15.48 7.94
C SER D 225 1.45 -16.82 8.65
N LEU D 226 0.72 -17.75 8.01
CA LEU D 226 0.59 -19.10 8.52
C LEU D 226 0.23 -20.02 7.37
N ASP D 227 1.01 -21.07 7.18
CA ASP D 227 0.80 -22.05 6.14
C ASP D 227 0.63 -23.44 6.76
N LYS D 228 0.59 -24.47 5.91
CA LYS D 228 0.42 -25.84 6.39
C LYS D 228 1.56 -26.28 7.29
N SER D 229 2.72 -25.64 7.20
CA SER D 229 3.85 -25.93 8.09
C SER D 229 3.52 -25.54 9.53
N GLY E 22 -42.80 5.32 39.31
CA GLY E 22 -43.23 4.11 39.97
C GLY E 22 -42.27 2.95 39.80
N PRO E 23 -42.59 1.81 40.42
CA PRO E 23 -41.72 0.63 40.28
C PRO E 23 -41.73 0.08 38.87
N SER E 24 -40.62 -0.57 38.51
CA SER E 24 -40.45 -1.20 37.22
C SER E 24 -40.32 -2.71 37.39
N VAL E 25 -40.82 -3.47 36.41
CA VAL E 25 -40.83 -4.92 36.45
C VAL E 25 -39.93 -5.45 35.36
N PHE E 26 -39.00 -6.34 35.73
CA PHE E 26 -38.09 -6.95 34.79
C PHE E 26 -37.92 -8.42 35.12
N LEU E 27 -37.72 -9.23 34.07
CA LEU E 27 -37.58 -10.67 34.19
C LEU E 27 -36.34 -11.11 33.42
N PHE E 28 -35.51 -11.94 34.07
CA PHE E 28 -34.24 -12.36 33.50
C PHE E 28 -34.17 -13.88 33.41
N PRO E 29 -33.57 -14.41 32.36
CA PRO E 29 -33.47 -15.87 32.21
C PRO E 29 -32.41 -16.44 33.14
N PRO E 30 -32.48 -17.73 33.44
CA PRO E 30 -31.40 -18.36 34.20
C PRO E 30 -30.12 -18.45 33.38
N LYS E 31 -29.01 -18.61 34.10
CA LYS E 31 -27.70 -18.64 33.47
C LYS E 31 -27.59 -19.85 32.53
N PRO E 32 -26.81 -19.72 31.45
CA PRO E 32 -26.69 -20.85 30.50
C PRO E 32 -26.16 -22.12 31.12
N LYS E 33 -25.20 -22.03 32.06
CA LYS E 33 -24.71 -23.22 32.72
C LYS E 33 -25.70 -23.75 33.74
N ASP E 34 -26.59 -22.90 34.26
CA ASP E 34 -27.50 -23.31 35.32
C ASP E 34 -28.45 -24.40 34.85
N THR E 35 -28.97 -24.28 33.63
CA THR E 35 -29.99 -25.18 33.14
C THR E 35 -29.43 -26.46 32.53
N LEU E 36 -28.30 -26.38 31.83
CA LEU E 36 -27.80 -27.52 31.08
C LEU E 36 -27.09 -28.55 31.94
N MET E 37 -26.72 -28.21 33.18
CA MET E 37 -26.06 -29.15 34.08
C MET E 37 -27.00 -29.44 35.25
N ILE E 38 -27.23 -30.73 35.50
CA ILE E 38 -28.11 -31.13 36.59
C ILE E 38 -27.48 -30.84 37.95
N SER E 39 -26.17 -30.62 38.01
CA SER E 39 -25.50 -30.32 39.27
C SER E 39 -25.69 -28.88 39.72
N ARG E 40 -26.15 -28.00 38.84
CA ARG E 40 -26.40 -26.61 39.18
C ARG E 40 -27.91 -26.37 39.29
N THR E 41 -28.26 -25.31 40.01
CA THR E 41 -29.67 -24.99 40.26
C THR E 41 -30.07 -23.79 39.42
N PRO E 42 -30.89 -23.95 38.39
CA PRO E 42 -31.34 -22.80 37.60
C PRO E 42 -32.39 -22.00 38.36
N GLU E 43 -32.28 -20.69 38.28
CA GLU E 43 -33.17 -19.77 38.98
C GLU E 43 -33.60 -18.66 38.04
N VAL E 44 -34.88 -18.29 38.11
CA VAL E 44 -35.42 -17.19 37.34
C VAL E 44 -35.61 -16.01 38.27
N THR E 45 -35.04 -14.87 37.91
CA THR E 45 -35.11 -13.67 38.73
C THR E 45 -36.07 -12.66 38.10
N CYS E 46 -37.10 -12.29 38.84
CA CYS E 46 -38.00 -11.20 38.49
C CYS E 46 -37.67 -10.06 39.45
N VAL E 47 -36.84 -9.14 38.96
CA VAL E 47 -36.30 -8.05 39.77
C VAL E 47 -37.19 -6.82 39.60
N VAL E 48 -37.56 -6.21 40.72
CA VAL E 48 -38.39 -5.00 40.71
C VAL E 48 -37.53 -3.87 41.25
N VAL E 49 -37.38 -2.81 40.44
CA VAL E 49 -36.59 -1.66 40.82
C VAL E 49 -37.51 -0.46 41.03
N ASP E 50 -36.94 0.62 41.57
CA ASP E 50 -37.66 1.88 41.78
C ASP E 50 -38.90 1.70 42.65
N VAL E 51 -38.79 0.85 43.67
CA VAL E 51 -39.89 0.62 44.60
C VAL E 51 -40.03 1.82 45.52
N SER E 52 -41.24 2.36 45.62
CA SER E 52 -41.48 3.50 46.48
C SER E 52 -41.36 3.12 47.94
N HIS E 53 -40.79 4.03 48.74
CA HIS E 53 -40.65 3.79 50.17
C HIS E 53 -42.01 3.75 50.86
N GLU E 54 -42.95 4.57 50.41
CA GLU E 54 -44.29 4.60 51.02
C GLU E 54 -45.03 3.30 50.80
N ASP E 55 -44.79 2.62 49.68
CA ASP E 55 -45.46 1.36 49.34
C ASP E 55 -44.40 0.33 48.98
N PRO E 56 -43.72 -0.24 49.97
CA PRO E 56 -42.66 -1.22 49.69
C PRO E 56 -43.12 -2.66 49.60
N GLU E 57 -44.42 -2.93 49.79
CA GLU E 57 -44.94 -4.30 49.74
C GLU E 57 -45.13 -4.69 48.28
N VAL E 58 -44.17 -5.43 47.74
CA VAL E 58 -44.22 -5.91 46.37
C VAL E 58 -44.70 -7.36 46.40
N LYS E 59 -45.90 -7.61 45.88
CA LYS E 59 -46.50 -8.93 45.88
C LYS E 59 -45.94 -9.75 44.72
N PHE E 60 -45.45 -10.94 45.03
CA PHE E 60 -44.81 -11.81 44.04
C PHE E 60 -45.59 -13.11 43.92
N ASN E 61 -46.00 -13.45 42.70
CA ASN E 61 -46.67 -14.71 42.41
C ASN E 61 -46.05 -15.31 41.16
N TRP E 62 -45.79 -16.61 41.19
CA TRP E 62 -45.09 -17.31 40.11
C TRP E 62 -46.02 -18.33 39.48
N TYR E 63 -46.10 -18.31 38.15
CA TYR E 63 -46.95 -19.22 37.39
C TYR E 63 -46.09 -20.06 36.47
N VAL E 64 -46.29 -21.37 36.49
CA VAL E 64 -45.57 -22.31 35.64
C VAL E 64 -46.58 -22.86 34.64
N ASP E 65 -46.56 -22.32 33.41
CA ASP E 65 -47.60 -22.55 32.40
C ASP E 65 -48.99 -22.26 32.95
N GLY E 66 -49.11 -21.15 33.67
CA GLY E 66 -50.39 -20.76 34.21
C GLY E 66 -50.85 -21.55 35.41
N VAL E 67 -49.97 -22.30 36.05
CA VAL E 67 -50.30 -23.05 37.26
C VAL E 67 -49.52 -22.43 38.41
N GLU E 68 -50.24 -21.90 39.39
CA GLU E 68 -49.61 -21.19 40.48
C GLU E 68 -48.81 -22.14 41.36
N VAL E 69 -47.62 -21.69 41.76
CA VAL E 69 -46.75 -22.45 42.63
C VAL E 69 -46.35 -21.58 43.81
N HIS E 70 -46.00 -22.22 44.92
CA HIS E 70 -45.68 -21.52 46.15
C HIS E 70 -44.34 -21.97 46.74
N ASN E 71 -43.43 -22.42 45.88
CA ASN E 71 -42.11 -22.85 46.32
C ASN E 71 -41.03 -21.80 46.06
N ALA E 72 -41.43 -20.59 45.67
CA ALA E 72 -40.48 -19.53 45.38
C ALA E 72 -39.90 -18.94 46.66
N LYS E 73 -38.78 -18.23 46.51
CA LYS E 73 -38.09 -17.60 47.63
C LYS E 73 -37.93 -16.11 47.34
N THR E 74 -38.35 -15.28 48.29
CA THR E 74 -38.32 -13.83 48.14
C THR E 74 -37.23 -13.25 49.04
N LYS E 75 -36.30 -12.53 48.43
CA LYS E 75 -35.21 -11.90 49.16
C LYS E 75 -35.67 -10.60 49.81
N PRO E 76 -35.03 -10.19 50.91
CA PRO E 76 -35.37 -8.91 51.53
C PRO E 76 -34.98 -7.74 50.63
N ARG E 77 -35.67 -6.62 50.85
CA ARG E 77 -35.44 -5.42 50.07
C ARG E 77 -34.08 -4.79 50.43
N GLU E 78 -33.58 -3.98 49.50
CA GLU E 78 -32.31 -3.28 49.67
C GLU E 78 -32.47 -1.83 49.25
N GLU E 79 -31.76 -0.94 49.94
CA GLU E 79 -31.81 0.47 49.61
C GLU E 79 -31.05 0.75 48.32
N GLN E 80 -31.58 1.65 47.50
CA GLN E 80 -31.01 2.00 46.21
C GLN E 80 -30.38 3.39 46.27
N TYR E 81 -29.59 3.69 45.23
CA TYR E 81 -28.91 4.98 45.15
C TYR E 81 -29.87 6.11 44.84
N ASN E 82 -30.99 5.82 44.16
CA ASN E 82 -31.99 6.83 43.83
C ASN E 82 -33.10 6.90 44.87
N SER E 83 -32.81 6.57 46.12
CA SER E 83 -33.75 6.68 47.24
C SER E 83 -35.00 5.84 47.02
N THR E 84 -34.83 4.68 46.41
CA THR E 84 -35.90 3.69 46.23
C THR E 84 -35.46 2.36 46.85
N TYR E 85 -36.26 1.32 46.61
CA TYR E 85 -35.97 -0.01 47.12
C TYR E 85 -35.93 -1.00 45.96
N ARG E 86 -35.34 -2.16 46.23
CA ARG E 86 -35.22 -3.22 45.24
C ARG E 86 -35.55 -4.55 45.90
N VAL E 87 -36.59 -5.22 45.41
CA VAL E 87 -37.01 -6.52 45.93
C VAL E 87 -36.90 -7.54 44.81
N VAL E 88 -36.27 -8.68 45.11
CA VAL E 88 -35.98 -9.71 44.11
C VAL E 88 -36.67 -11.00 44.54
N SER E 89 -37.32 -11.67 43.59
CA SER E 89 -37.91 -12.98 43.81
C SER E 89 -37.22 -14.00 42.92
N VAL E 90 -36.71 -15.07 43.54
CA VAL E 90 -35.97 -16.12 42.86
C VAL E 90 -36.77 -17.41 42.98
N LEU E 91 -37.06 -18.03 41.84
CA LEU E 91 -37.82 -19.27 41.79
C LEU E 91 -36.92 -20.37 41.25
N THR E 92 -36.82 -21.47 41.99
CA THR E 92 -36.05 -22.63 41.54
C THR E 92 -36.87 -23.41 40.51
N VAL E 93 -36.35 -23.53 39.30
CA VAL E 93 -37.03 -24.23 38.22
C VAL E 93 -36.29 -25.52 37.92
N CYS E 94 -37.01 -26.46 37.32
CA CYS E 94 -36.40 -27.69 36.83
C CYS E 94 -35.84 -27.47 35.44
N HIS E 95 -34.72 -28.15 35.16
CA HIS E 95 -34.10 -28.04 33.85
C HIS E 95 -35.01 -28.60 32.76
N GLN E 96 -35.65 -29.75 33.03
CA GLN E 96 -36.63 -30.29 32.10
C GLN E 96 -37.82 -29.35 31.98
N ASP E 97 -38.22 -28.72 33.09
CA ASP E 97 -39.33 -27.78 33.07
C ASP E 97 -38.96 -26.43 32.48
N TRP E 98 -37.70 -26.21 32.15
CA TRP E 98 -37.30 -24.97 31.49
C TRP E 98 -37.02 -25.18 30.01
N LEU E 99 -36.19 -26.17 29.67
CA LEU E 99 -35.81 -26.37 28.27
C LEU E 99 -36.96 -26.89 27.42
N ASN E 100 -37.97 -27.51 28.03
CA ASN E 100 -39.11 -27.99 27.26
C ASN E 100 -40.02 -26.87 26.79
N GLY E 101 -39.89 -25.68 27.35
CA GLY E 101 -40.65 -24.54 26.87
C GLY E 101 -41.84 -24.16 27.73
N LYS E 102 -41.67 -24.14 29.05
CA LYS E 102 -42.74 -23.73 29.94
C LYS E 102 -42.74 -22.21 30.09
N GLU E 103 -43.91 -21.59 29.90
CA GLU E 103 -44.03 -20.15 29.99
C GLU E 103 -44.10 -19.73 31.45
N TYR E 104 -43.11 -18.94 31.89
CA TYR E 104 -43.05 -18.49 33.28
C TYR E 104 -43.60 -17.07 33.38
N LYS E 105 -44.15 -16.76 34.55
CA LYS E 105 -44.80 -15.47 34.77
C LYS E 105 -44.50 -14.96 36.17
N CYS E 106 -44.03 -13.72 36.27
CA CYS E 106 -43.95 -13.00 37.54
C CYS E 106 -45.09 -12.00 37.60
N LYS E 107 -46.00 -12.20 38.55
CA LYS E 107 -47.10 -11.29 38.82
C LYS E 107 -46.63 -10.30 39.88
N VAL E 108 -46.40 -9.05 39.47
CA VAL E 108 -45.92 -8.01 40.36
C VAL E 108 -47.07 -7.04 40.61
N SER E 109 -47.46 -6.90 41.87
CA SER E 109 -48.51 -5.98 42.29
C SER E 109 -47.96 -5.08 43.38
N ASN E 110 -48.16 -3.77 43.22
CA ASN E 110 -47.72 -2.79 44.20
C ASN E 110 -48.83 -1.78 44.43
N LYS E 111 -48.80 -1.15 45.61
CA LYS E 111 -49.79 -0.13 45.92
C LYS E 111 -49.60 1.13 45.10
N ALA E 112 -48.44 1.31 44.46
CA ALA E 112 -48.22 2.39 43.52
C ALA E 112 -48.59 2.02 42.09
N LEU E 113 -48.91 0.75 41.85
CA LEU E 113 -49.27 0.29 40.51
C LEU E 113 -50.78 0.13 40.42
N PRO E 114 -51.46 0.88 39.54
CA PRO E 114 -52.92 0.71 39.41
C PRO E 114 -53.33 -0.68 38.95
N ALA E 115 -52.50 -1.33 38.12
CA ALA E 115 -52.76 -2.68 37.64
C ALA E 115 -51.50 -3.52 37.78
N PRO E 116 -51.65 -4.83 37.97
CA PRO E 116 -50.47 -5.69 38.03
C PRO E 116 -49.73 -5.69 36.69
N ILE E 117 -48.40 -5.66 36.78
CA ILE E 117 -47.53 -5.70 35.60
C ILE E 117 -46.85 -7.05 35.57
N GLU E 118 -47.07 -7.80 34.49
CA GLU E 118 -46.61 -9.18 34.38
C GLU E 118 -45.57 -9.28 33.27
N LYS E 119 -44.41 -9.82 33.61
CA LYS E 119 -43.34 -10.09 32.66
C LYS E 119 -43.25 -11.59 32.43
N THR E 120 -42.83 -11.97 31.23
CA THR E 120 -42.75 -13.37 30.84
C THR E 120 -41.38 -13.66 30.26
N ILE E 121 -40.82 -14.81 30.61
CA ILE E 121 -39.58 -15.31 30.03
C ILE E 121 -39.74 -16.80 29.80
N SER E 122 -39.04 -17.30 28.78
CA SER E 122 -39.03 -18.72 28.48
C SER E 122 -37.78 -19.02 27.69
N LYS E 123 -37.57 -20.30 27.40
CA LYS E 123 -36.43 -20.74 26.62
C LYS E 123 -36.54 -20.23 25.18
N ALA E 124 -35.43 -19.78 24.63
CA ALA E 124 -35.37 -19.35 23.24
C ALA E 124 -35.76 -20.49 22.31
N LYS E 125 -36.77 -20.25 21.48
CA LYS E 125 -37.39 -21.30 20.67
C LYS E 125 -36.70 -21.52 19.33
N GLY E 126 -35.48 -21.02 19.15
CA GLY E 126 -34.77 -21.22 17.91
C GLY E 126 -34.31 -22.65 17.73
N GLN E 127 -34.02 -23.00 16.48
CA GLN E 127 -33.58 -24.36 16.16
C GLN E 127 -32.15 -24.56 16.63
N PRO E 128 -31.90 -25.55 17.47
CA PRO E 128 -30.54 -25.77 17.98
C PRO E 128 -29.58 -26.22 16.89
N ARG E 129 -28.31 -25.86 17.08
CA ARG E 129 -27.24 -26.27 16.18
C ARG E 129 -26.07 -26.75 17.03
N GLU E 130 -25.56 -27.93 16.73
CA GLU E 130 -24.56 -28.56 17.57
C GLU E 130 -23.22 -27.84 17.46
N PRO E 131 -22.61 -27.45 18.57
CA PRO E 131 -21.27 -26.85 18.51
C PRO E 131 -20.23 -27.85 18.03
N GLN E 132 -19.14 -27.32 17.48
CA GLN E 132 -18.00 -28.11 17.07
C GLN E 132 -16.79 -27.57 17.83
N VAL E 133 -16.48 -28.18 18.97
CA VAL E 133 -15.41 -27.72 19.83
C VAL E 133 -14.08 -28.18 19.25
N TYR E 134 -13.21 -27.24 18.92
CA TYR E 134 -11.83 -27.52 18.53
C TYR E 134 -10.90 -26.78 19.47
N THR E 135 -9.89 -27.48 19.96
CA THR E 135 -8.94 -26.92 20.92
C THR E 135 -7.61 -26.70 20.23
N LEU E 136 -7.11 -25.47 20.26
CA LEU E 136 -5.90 -25.09 19.56
C LEU E 136 -4.76 -24.88 20.52
N PRO E 137 -3.61 -25.54 20.32
CA PRO E 137 -2.46 -25.32 21.18
C PRO E 137 -1.85 -23.96 20.94
N PRO E 138 -1.09 -23.42 21.90
CA PRO E 138 -0.45 -22.12 21.69
C PRO E 138 0.55 -22.17 20.55
N SER E 139 0.70 -21.04 19.87
CA SER E 139 1.63 -20.94 18.76
C SER E 139 3.07 -21.01 19.26
N ARG E 140 3.98 -21.34 18.34
CA ARG E 140 5.40 -21.39 18.70
C ARG E 140 5.94 -20.02 19.08
N ASP E 141 5.34 -18.95 18.54
CA ASP E 141 5.76 -17.61 18.91
C ASP E 141 5.45 -17.32 20.37
N GLU E 142 4.30 -17.80 20.86
CA GLU E 142 3.91 -17.55 22.25
C GLU E 142 4.79 -18.32 23.23
N LEU E 143 5.47 -19.38 22.78
CA LEU E 143 6.32 -20.15 23.69
C LEU E 143 7.47 -19.31 24.21
N THR E 144 7.95 -18.35 23.43
CA THR E 144 9.01 -17.47 23.91
C THR E 144 8.55 -16.57 25.05
N LYS E 145 7.25 -16.33 25.17
CA LYS E 145 6.71 -15.53 26.26
C LYS E 145 6.67 -16.33 27.55
N ASN E 146 6.44 -15.62 28.65
CA ASN E 146 6.42 -16.26 29.97
C ASN E 146 5.09 -16.95 30.26
N GLN E 147 4.04 -16.64 29.51
CA GLN E 147 2.72 -17.20 29.75
C GLN E 147 2.07 -17.53 28.42
N VAL E 148 1.83 -18.82 28.17
CA VAL E 148 1.16 -19.22 26.94
C VAL E 148 -0.35 -18.98 27.07
N SER E 149 -1.04 -19.02 25.94
CA SER E 149 -2.47 -18.76 25.88
C SER E 149 -3.15 -19.90 25.12
N LEU E 150 -3.70 -20.86 25.88
CA LEU E 150 -4.45 -21.96 25.28
C LEU E 150 -5.82 -21.48 24.85
N THR E 151 -6.16 -21.73 23.59
CA THR E 151 -7.41 -21.24 23.03
C THR E 151 -8.32 -22.42 22.70
N CYS E 152 -9.63 -22.19 22.80
CA CYS E 152 -10.64 -23.19 22.48
C CYS E 152 -11.70 -22.53 21.61
N LEU E 153 -11.75 -22.93 20.35
CA LEU E 153 -12.73 -22.41 19.40
C LEU E 153 -14.00 -23.24 19.50
N VAL E 154 -15.10 -22.59 19.85
CA VAL E 154 -16.40 -23.24 19.89
C VAL E 154 -17.27 -22.65 18.78
N LYS E 155 -17.27 -23.28 17.61
CA LYS E 155 -17.86 -22.68 16.42
C LYS E 155 -19.10 -23.45 15.98
N GLY E 156 -19.92 -22.76 15.19
CA GLY E 156 -21.10 -23.37 14.60
C GLY E 156 -22.17 -23.80 15.58
N PHE E 157 -22.46 -22.97 16.58
CA PHE E 157 -23.46 -23.30 17.58
C PHE E 157 -24.55 -22.24 17.62
N TYR E 158 -25.79 -22.69 17.79
CA TYR E 158 -26.94 -21.81 17.88
C TYR E 158 -27.87 -22.38 18.95
N PRO E 159 -28.42 -21.54 19.83
CA PRO E 159 -28.29 -20.08 19.94
C PRO E 159 -27.02 -19.66 20.69
N SER E 160 -26.99 -18.44 21.20
CA SER E 160 -25.82 -17.92 21.90
C SER E 160 -25.77 -18.32 23.37
N ASP E 161 -26.76 -19.06 23.86
CA ASP E 161 -26.81 -19.46 25.27
C ASP E 161 -25.85 -20.62 25.47
N ILE E 162 -24.58 -20.30 25.74
CA ILE E 162 -23.53 -21.29 25.92
C ILE E 162 -22.68 -20.89 27.12
N ALA E 163 -21.96 -21.87 27.67
CA ALA E 163 -21.01 -21.64 28.75
C ALA E 163 -19.77 -22.45 28.48
N VAL E 164 -18.60 -21.83 28.66
CA VAL E 164 -17.32 -22.48 28.43
C VAL E 164 -16.49 -22.36 29.70
N GLU E 165 -15.96 -23.48 30.16
CA GLU E 165 -15.09 -23.54 31.34
C GLU E 165 -13.72 -24.09 30.94
N TRP E 166 -12.83 -24.19 31.92
CA TRP E 166 -11.47 -24.67 31.70
C TRP E 166 -11.04 -25.45 32.94
N GLU E 167 -11.05 -26.77 32.84
CA GLU E 167 -10.68 -27.65 33.94
C GLU E 167 -9.40 -28.40 33.58
N SER E 168 -8.42 -28.34 34.47
CA SER E 168 -7.17 -29.06 34.31
C SER E 168 -7.09 -30.16 35.36
N ASN E 169 -6.83 -31.39 34.91
CA ASN E 169 -6.74 -32.56 35.79
C ASN E 169 -8.03 -32.76 36.60
N GLY E 170 -9.17 -32.47 35.96
CA GLY E 170 -10.46 -32.66 36.60
C GLY E 170 -10.90 -31.55 37.53
N GLN E 171 -10.11 -30.49 37.68
CA GLN E 171 -10.43 -29.39 38.58
C GLN E 171 -10.56 -28.10 37.80
N PRO E 172 -11.73 -27.45 37.80
CA PRO E 172 -11.88 -26.17 37.09
C PRO E 172 -11.00 -25.09 37.70
N GLU E 173 -10.48 -24.23 36.83
CA GLU E 173 -9.66 -23.09 37.23
C GLU E 173 -10.20 -21.83 36.56
N ASN E 174 -10.00 -20.70 37.22
CA ASN E 174 -10.56 -19.42 36.77
C ASN E 174 -9.42 -18.46 36.42
N ASN E 175 -8.90 -18.58 35.20
CA ASN E 175 -8.01 -17.57 34.66
C ASN E 175 -8.27 -17.30 33.18
N TYR E 176 -9.37 -17.80 32.64
CA TYR E 176 -9.69 -17.71 31.23
C TYR E 176 -10.64 -16.54 30.97
N LYS E 177 -10.67 -16.12 29.70
CA LYS E 177 -11.61 -15.10 29.24
C LYS E 177 -12.25 -15.59 27.95
N THR E 178 -13.57 -15.48 27.86
CA THR E 178 -14.34 -15.98 26.73
C THR E 178 -14.93 -14.82 25.95
N THR E 179 -14.67 -14.79 24.65
CA THR E 179 -15.23 -13.75 23.80
C THR E 179 -16.73 -13.93 23.66
N PRO E 180 -17.47 -12.84 23.46
CA PRO E 180 -18.90 -12.96 23.24
C PRO E 180 -19.18 -13.72 21.96
N PRO E 181 -20.31 -14.42 21.87
CA PRO E 181 -20.62 -15.19 20.66
C PRO E 181 -20.81 -14.28 19.45
N VAL E 182 -19.97 -14.47 18.45
CA VAL E 182 -19.99 -13.67 17.22
C VAL E 182 -20.74 -14.44 16.15
N LEU E 183 -21.62 -13.75 15.43
CA LEU E 183 -22.39 -14.40 14.38
C LEU E 183 -21.47 -14.83 13.24
N ASP E 184 -21.59 -16.09 12.84
CA ASP E 184 -20.80 -16.63 11.75
C ASP E 184 -21.45 -16.28 10.41
N SER E 185 -20.85 -16.78 9.32
CA SER E 185 -21.36 -16.47 7.99
C SER E 185 -22.64 -17.24 7.67
N ASP E 186 -22.83 -18.41 8.27
CA ASP E 186 -23.97 -19.26 7.95
C ASP E 186 -25.14 -19.05 8.90
N GLY E 187 -25.06 -18.08 9.81
CA GLY E 187 -26.13 -17.80 10.75
C GLY E 187 -25.94 -18.36 12.13
N SER E 188 -24.97 -19.24 12.33
CA SER E 188 -24.67 -19.79 13.64
C SER E 188 -23.81 -18.80 14.42
N PHE E 189 -23.25 -19.23 15.54
CA PHE E 189 -22.39 -18.41 16.37
C PHE E 189 -21.06 -19.12 16.58
N PHE E 190 -20.07 -18.35 17.01
CA PHE E 190 -18.77 -18.92 17.35
C PHE E 190 -18.12 -18.00 18.37
N LEU E 191 -17.28 -18.58 19.23
CA LEU E 191 -16.54 -17.78 20.21
C LEU E 191 -15.17 -18.41 20.41
N TYR E 192 -14.49 -17.96 21.46
CA TYR E 192 -13.17 -18.42 21.80
C TYR E 192 -13.01 -18.30 23.30
N SER E 193 -12.05 -19.03 23.86
CA SER E 193 -11.73 -18.92 25.28
C SER E 193 -10.23 -19.04 25.44
N LYS E 194 -9.59 -17.98 25.92
CA LYS E 194 -8.15 -17.92 26.09
C LYS E 194 -7.84 -18.12 27.57
N LEU E 195 -7.13 -19.20 27.89
CA LEU E 195 -6.64 -19.45 29.24
C LEU E 195 -5.14 -19.20 29.27
N THR E 196 -4.70 -18.29 30.14
CA THR E 196 -3.30 -17.93 30.26
C THR E 196 -2.69 -18.72 31.41
N VAL E 197 -1.85 -19.69 31.08
CA VAL E 197 -1.10 -20.45 32.08
C VAL E 197 0.37 -20.16 31.90
N ASP E 198 1.15 -20.49 32.93
CA ASP E 198 2.59 -20.28 32.86
C ASP E 198 3.21 -21.21 31.82
N LYS E 199 4.29 -20.73 31.19
CA LYS E 199 4.95 -21.50 30.15
C LYS E 199 5.52 -22.80 30.69
N SER E 200 6.20 -22.73 31.84
CA SER E 200 6.77 -23.92 32.46
C SER E 200 5.67 -24.89 32.88
N ARG E 201 4.56 -24.36 33.41
CA ARG E 201 3.42 -25.20 33.77
C ARG E 201 2.81 -25.85 32.54
N TRP E 202 2.76 -25.11 31.43
CA TRP E 202 2.18 -25.64 30.19
C TRP E 202 3.04 -26.77 29.62
N GLN E 203 4.36 -26.60 29.63
CA GLN E 203 5.24 -27.63 29.07
C GLN E 203 5.69 -28.64 30.11
N GLN E 204 5.18 -28.57 31.34
CA GLN E 204 5.45 -29.60 32.33
C GLN E 204 4.72 -30.90 32.04
N GLY E 205 3.79 -30.91 31.07
CA GLY E 205 3.01 -32.08 30.75
C GLY E 205 1.58 -32.04 31.23
N ASN E 206 1.14 -30.94 31.81
CA ASN E 206 -0.23 -30.84 32.30
C ASN E 206 -1.22 -30.86 31.14
N VAL E 207 -2.40 -31.41 31.39
CA VAL E 207 -3.47 -31.47 30.41
C VAL E 207 -4.56 -30.49 30.81
N PHE E 208 -5.15 -29.85 29.81
CA PHE E 208 -6.20 -28.87 30.01
C PHE E 208 -7.41 -29.25 29.16
N SER E 209 -8.59 -28.87 29.63
CA SER E 209 -9.84 -29.22 28.96
C SER E 209 -10.71 -28.01 28.79
N CYS E 210 -11.36 -27.91 27.64
CA CYS E 210 -12.32 -26.85 27.33
C CYS E 210 -13.72 -27.45 27.42
N SER E 211 -14.35 -27.30 28.59
CA SER E 211 -15.68 -27.84 28.79
C SER E 211 -16.71 -26.92 28.19
N VAL E 212 -17.58 -27.46 27.34
CA VAL E 212 -18.60 -26.69 26.64
C VAL E 212 -19.96 -27.21 27.05
N MET E 213 -20.80 -26.33 27.58
CA MET E 213 -22.16 -26.66 27.99
C MET E 213 -23.11 -25.92 27.07
N HIS E 214 -23.66 -26.64 26.09
CA HIS E 214 -24.64 -26.08 25.16
C HIS E 214 -25.81 -27.04 25.04
N GLU E 215 -26.98 -26.49 24.73
CA GLU E 215 -28.20 -27.29 24.73
C GLU E 215 -28.28 -28.25 23.56
N ALA E 216 -27.52 -28.01 22.49
CA ALA E 216 -27.61 -28.82 21.29
C ALA E 216 -26.67 -30.02 21.30
N LEU E 217 -25.79 -30.13 22.30
CA LEU E 217 -24.85 -31.23 22.37
C LEU E 217 -25.54 -32.49 22.90
N HIS E 218 -24.80 -33.59 22.90
CA HIS E 218 -25.26 -34.82 23.52
C HIS E 218 -25.07 -34.71 25.03
N ASN E 219 -26.17 -34.89 25.77
CA ASN E 219 -26.19 -34.70 27.23
C ASN E 219 -25.76 -33.30 27.65
N HIS E 220 -25.91 -32.33 26.74
CA HIS E 220 -25.64 -30.92 27.02
C HIS E 220 -24.20 -30.69 27.47
N TYR E 221 -23.27 -31.48 26.95
CA TYR E 221 -21.89 -31.40 27.41
C TYR E 221 -20.96 -31.98 26.37
N THR E 222 -19.82 -31.31 26.18
CA THR E 222 -18.74 -31.83 25.35
C THR E 222 -17.44 -31.22 25.84
N GLN E 223 -16.49 -32.06 26.21
CA GLN E 223 -15.21 -31.63 26.76
C GLN E 223 -14.10 -32.14 25.85
N LYS E 224 -13.22 -31.23 25.43
CA LYS E 224 -12.10 -31.57 24.57
C LYS E 224 -10.80 -31.21 25.29
N SER E 225 -9.85 -32.13 25.27
CA SER E 225 -8.59 -31.96 25.98
C SER E 225 -7.47 -31.62 25.01
N LEU E 226 -6.45 -30.92 25.51
CA LEU E 226 -5.25 -30.62 24.76
C LEU E 226 -4.05 -30.68 25.69
N ASP E 227 -2.89 -30.96 25.13
CA ASP E 227 -1.65 -31.05 25.89
C ASP E 227 -0.51 -30.65 24.96
N LYS E 228 0.73 -30.98 25.36
CA LYS E 228 1.89 -30.65 24.54
C LYS E 228 1.83 -31.33 23.17
N SER E 229 1.34 -32.56 23.13
CA SER E 229 1.19 -33.28 21.87
C SER E 229 0.01 -32.73 21.08
C1 NAG F . 21.92 21.38 -25.08
C2 NAG F . 22.15 21.75 -23.64
C3 NAG F . 23.36 21.02 -23.09
C4 NAG F . 23.13 19.52 -23.23
C5 NAG F . 22.87 19.24 -24.71
C6 NAG F . 22.57 17.77 -24.94
C7 NAG F . 21.83 23.96 -22.69
C8 NAG F . 22.01 25.42 -22.95
N2 NAG F . 22.41 23.16 -23.58
O3 NAG F . 23.48 21.37 -21.71
O4 NAG F . 24.29 18.80 -22.83
O5 NAG F . 21.75 19.98 -25.16
O6 NAG F . 21.51 17.42 -24.07
O7 NAG F . 21.22 23.53 -21.74
C1 NAG F . 24.14 18.18 -21.53
C2 NAG F . 24.92 16.88 -21.51
C3 NAG F . 24.95 16.31 -20.11
C4 NAG F . 25.50 17.30 -19.11
C5 NAG F . 24.71 18.59 -19.22
C6 NAG F . 25.30 19.74 -18.41
C7 NAG F . 24.91 15.31 -23.32
C8 NAG F . 24.14 14.24 -24.06
N2 NAG F . 24.26 15.91 -22.36
O3 NAG F . 25.83 15.19 -20.19
O4 NAG F . 25.31 16.73 -17.81
O5 NAG F . 24.69 19.06 -20.56
O6 NAG F . 25.96 20.64 -19.28
O7 NAG F . 26.06 15.58 -23.60
C1 BMA F . 26.57 16.56 -17.14
C2 BMA F . 26.51 16.98 -15.68
C3 BMA F . 26.29 15.83 -14.72
C4 BMA F . 27.12 14.60 -15.07
C5 BMA F . 27.16 14.26 -16.55
C6 BMA F . 26.01 13.36 -17.01
O2 BMA F . 25.42 17.89 -15.51
O3 BMA F . 24.90 15.51 -14.69
O4 BMA F . 28.46 14.82 -14.62
O5 BMA F . 27.34 15.39 -17.41
O6 BMA F . 26.21 13.00 -18.37
C1 MAN F . 26.05 11.58 -18.54
C2 MAN F . 26.51 11.15 -19.94
C3 MAN F . 25.59 11.77 -20.98
C4 MAN F . 24.17 11.31 -20.69
C5 MAN F . 23.81 11.74 -19.26
C6 MAN F . 22.39 11.38 -18.84
O2 MAN F . 26.50 9.73 -20.08
O3 MAN F . 25.99 11.37 -22.29
O4 MAN F . 23.25 11.88 -21.63
O5 MAN F . 24.71 11.16 -18.33
O6 MAN F . 22.22 11.83 -17.49
C1 NAG F . 27.86 9.26 -20.26
C2 NAG F . 27.98 7.84 -19.74
C3 NAG F . 29.42 7.38 -19.87
C4 NAG F . 29.80 7.46 -21.34
C5 NAG F . 29.62 8.90 -21.80
C6 NAG F . 29.97 9.07 -23.27
C7 NAG F . 26.32 7.32 -18.09
C8 NAG F . 25.77 7.73 -16.76
N2 NAG F . 27.55 7.77 -18.37
O3 NAG F . 29.58 6.02 -19.41
O4 NAG F . 31.16 7.04 -21.49
O5 NAG F . 28.26 9.29 -21.63
O6 NAG F . 29.83 7.81 -23.93
O7 NAG F . 25.70 6.65 -18.88
C1 FUC F . 20.62 16.51 -24.72
C2 FUC F . 19.92 15.78 -23.59
C3 FUC F . 19.12 16.78 -22.77
C4 FUC F . 18.11 17.48 -23.67
C5 FUC F . 18.87 18.14 -24.80
C6 FUC F . 17.92 18.84 -25.77
O2 FUC F . 20.90 15.19 -22.74
O3 FUC F . 18.46 16.11 -21.69
O4 FUC F . 17.16 16.53 -24.19
O5 FUC F . 19.63 17.16 -25.52
C1 NAG G . 26.76 27.53 -4.60
C2 NAG G . 26.40 27.12 -6.04
C3 NAG G . 25.02 26.47 -6.04
C4 NAG G . 24.97 25.31 -5.04
C5 NAG G . 25.47 25.79 -3.67
C6 NAG G . 25.56 24.71 -2.62
C7 NAG G . 27.26 28.36 -7.99
C8 NAG G . 27.13 29.64 -8.77
N2 NAG G . 26.44 28.25 -6.92
O3 NAG G . 24.75 26.05 -7.35
O4 NAG G . 23.63 24.85 -4.98
O5 NAG G . 26.75 26.37 -3.81
O6 NAG G . 24.32 24.61 -1.94
O7 NAG G . 28.07 27.50 -8.31
C1 NAG G . 23.57 23.54 -5.57
C2 NAG G . 22.50 22.70 -4.84
C3 NAG G . 22.44 21.31 -5.48
C4 NAG G . 22.26 21.40 -6.99
C5 NAG G . 23.29 22.35 -7.59
C6 NAG G . 23.15 22.58 -9.07
C7 NAG G . 21.90 22.77 -2.44
C8 NAG G . 20.48 23.10 -2.84
N2 NAG G . 22.78 22.61 -3.44
O3 NAG G . 21.40 20.62 -4.85
O4 NAG G . 22.43 20.09 -7.48
O5 NAG G . 23.23 23.60 -6.93
O6 NAG G . 21.88 23.11 -9.36
O7 NAG G . 22.21 22.66 -1.26
C1 BMA G . 21.19 19.60 -8.06
C2 BMA G . 21.54 18.36 -8.87
C3 BMA G . 20.28 17.75 -9.51
C4 BMA G . 18.95 18.03 -8.74
C5 BMA G . 19.15 18.42 -7.28
C6 BMA G . 19.24 17.24 -6.32
O2 BMA G . 22.22 17.46 -8.03
O3 BMA G . 20.52 16.37 -9.65
O4 BMA G . 18.31 19.06 -9.47
O5 BMA G . 20.25 19.30 -7.05
O6 BMA G . 19.38 17.79 -5.02
C1 MAN G . 19.57 16.73 -4.06
C2 MAN G . 18.86 17.16 -2.77
C3 MAN G . 19.48 18.47 -2.33
C4 MAN G . 20.96 18.28 -2.08
C5 MAN G . 21.63 17.70 -3.33
C6 MAN G . 23.06 17.28 -3.06
O2 MAN G . 19.09 16.13 -1.84
O3 MAN G . 18.79 18.92 -1.19
O4 MAN G . 21.49 19.55 -1.74
O5 MAN G . 20.93 16.55 -3.79
O6 MAN G . 23.87 18.42 -2.96
C1 NAG G . 17.85 15.47 -1.47
C2 NAG G . 17.24 16.22 -0.28
C3 NAG G . 15.90 15.58 0.11
C4 NAG G . 14.99 15.46 -1.11
C5 NAG G . 15.74 14.74 -2.23
C6 NAG G . 14.94 14.55 -3.50
C7 NAG G . 18.39 17.28 1.62
C8 NAG G . 19.38 17.04 2.74
N2 NAG G . 18.13 16.22 0.84
O3 NAG G . 15.32 16.36 1.12
O4 NAG G . 13.85 14.76 -0.70
O5 NAG G . 16.92 15.47 -2.53
O6 NAG G . 15.75 14.00 -4.51
O7 NAG G . 17.87 18.38 1.47
C1 NAG H . 25.20 5.05 -42.07
C2 NAG H . 26.70 5.28 -41.87
C3 NAG H . 27.52 4.16 -42.50
C4 NAG H . 27.00 2.79 -42.09
C5 NAG H . 25.51 2.72 -42.43
C6 NAG H . 24.86 1.39 -42.10
C7 NAG H . 27.64 7.55 -41.68
C8 NAG H . 27.98 8.79 -42.48
N2 NAG H . 27.10 6.54 -42.40
O3 NAG H . 28.86 4.34 -42.14
O4 NAG H . 27.75 1.82 -42.81
O5 NAG H . 24.85 3.73 -41.70
O6 NAG H . 25.06 1.09 -40.73
O7 NAG H . 27.83 7.49 -40.48
#